data_9K8Z
# 
_entry.id   9K8Z 
# 
_audit_conform.dict_name       mmcif_pdbx.dic 
_audit_conform.dict_version    5.408 
_audit_conform.dict_location   http://mmcif.pdb.org/dictionaries/ascii/mmcif_pdbx.dic 
# 
loop_
_database_2.database_id 
_database_2.database_code 
_database_2.pdbx_database_accession 
_database_2.pdbx_DOI 
PDB   9K8Z         pdb_00009k8z 10.2210/pdb9k8z/pdb 
WWPDB D_1300052983 ?            ?                   
# 
loop_
_pdbx_audit_revision_history.ordinal 
_pdbx_audit_revision_history.data_content_type 
_pdbx_audit_revision_history.major_revision 
_pdbx_audit_revision_history.minor_revision 
_pdbx_audit_revision_history.revision_date 
_pdbx_audit_revision_history.part_number 
1 'Structure model' 1 0 2025-02-19 ? 
2 'Structure model' 1 1 2025-02-26 ? 
3 'Structure model' 1 2 2025-03-12 ? 
4 'Structure model' 1 3 2025-12-31 ? 
# 
_pdbx_audit_revision_details.ordinal             1 
_pdbx_audit_revision_details.revision_ordinal    1 
_pdbx_audit_revision_details.data_content_type   'Structure model' 
_pdbx_audit_revision_details.provider            repository 
_pdbx_audit_revision_details.type                'Initial release' 
_pdbx_audit_revision_details.description         ? 
_pdbx_audit_revision_details.details             ? 
# 
loop_
_pdbx_audit_revision_group.ordinal 
_pdbx_audit_revision_group.revision_ordinal 
_pdbx_audit_revision_group.data_content_type 
_pdbx_audit_revision_group.group 
1 2 'Structure model' 'Structure summary'   
2 3 'Structure model' 'Database references' 
3 4 'Structure model' 'Structure summary'   
# 
loop_
_pdbx_audit_revision_category.ordinal 
_pdbx_audit_revision_category.revision_ordinal 
_pdbx_audit_revision_category.data_content_type 
_pdbx_audit_revision_category.category 
1 2 'Structure model' struct       
2 3 'Structure model' citation     
3 4 'Structure model' audit_author 
# 
loop_
_pdbx_audit_revision_item.ordinal 
_pdbx_audit_revision_item.revision_ordinal 
_pdbx_audit_revision_item.data_content_type 
_pdbx_audit_revision_item.item 
1 2 'Structure model' '_struct.title'                  
2 3 'Structure model' '_citation.journal_volume'       
3 3 'Structure model' '_citation.page_first'           
4 3 'Structure model' '_citation.page_last'            
5 4 'Structure model' '_audit_author.identifier_ORCID' 
# 
_pdbx_database_status.status_code                     REL 
_pdbx_database_status.status_code_sf                  REL 
_pdbx_database_status.status_code_mr                  ? 
_pdbx_database_status.entry_id                        9K8Z 
_pdbx_database_status.recvd_initial_deposition_date   2024-10-25 
_pdbx_database_status.SG_entry                        N 
_pdbx_database_status.deposit_site                    PDBJ 
_pdbx_database_status.process_site                    PDBJ 
_pdbx_database_status.status_code_cs                  ? 
_pdbx_database_status.status_code_nmr_data            ? 
_pdbx_database_status.methods_development_category    ? 
_pdbx_database_status.pdb_format_compatible           Y 
# 
_pdbx_database_related.db_name        PDB 
_pdbx_database_related.details        . 
_pdbx_database_related.db_id          9K7R 
_pdbx_database_related.content_type   unspecified 
# 
_pdbx_contact_author.id                 2 
_pdbx_contact_author.email              j.kondo@sophia.ac.jp 
_pdbx_contact_author.name_first         Jiro 
_pdbx_contact_author.name_last          Kondo 
_pdbx_contact_author.name_mi            ? 
_pdbx_contact_author.role               'principal investigator/group leader' 
_pdbx_contact_author.identifier_ORCID   0000-0002-5682-3685 
# 
loop_
_audit_author.name 
_audit_author.pdbx_ordinal 
_audit_author.identifier_ORCID 
'Kondo, J.' 1 0000-0002-5682-3685 
'Ando, S.'  2 0009-0007-3991-7851 
# 
_citation.abstract                  ? 
_citation.abstract_id_CAS           ? 
_citation.book_id_ISBN              ? 
_citation.book_publisher            ? 
_citation.book_publisher_city       ? 
_citation.book_title                ? 
_citation.coordinate_linkage        ? 
_citation.country                   US 
_citation.database_id_Medline       ? 
_citation.details                   ? 
_citation.id                        primary 
_citation.journal_abbrev            'Acta Crystallogr.,Sect.F' 
_citation.journal_id_ASTM           ACSFEN 
_citation.journal_id_CSD            ? 
_citation.journal_id_ISSN           2053-230X 
_citation.journal_full              ? 
_citation.journal_issue             ? 
_citation.journal_volume            81 
_citation.language                  ? 
_citation.page_first                95 
_citation.page_last                 100 
_citation.title                     'The first report of structural analysis of a nucleic acid using crystals grown in space.' 
_citation.year                      2025 
_citation.database_id_CSD           ? 
_citation.pdbx_database_id_DOI      10.1107/S2053230X25000810 
_citation.pdbx_database_id_PubMed   39937045 
_citation.pdbx_database_id_patent   ? 
_citation.unpublished_flag          ? 
# 
loop_
_citation_author.citation_id 
_citation_author.name 
_citation_author.ordinal 
_citation_author.identifier_ORCID 
primary 'Ando, S.'      1 ? 
primary 'Takahashi, M.' 2 ? 
primary 'Kondo, J.'     3 ? 
# 
loop_
_entity.id 
_entity.type 
_entity.src_method 
_entity.pdbx_description 
_entity.formula_weight 
_entity.pdbx_number_of_molecules 
_entity.pdbx_ec 
_entity.pdbx_mutation 
_entity.pdbx_fragment 
_entity.details 
1 polymer     syn 
;RNA (5'-R(*GP*AP*AP*GP*AP*AP*GP*AP*G)-3')
;
2981.895 1  ? ? ? ? 
2 polymer     syn 
;DNA (5'-D(*(5CM)P*TP*CP*TP*TP*CP*TP*TP*(5CM))-3')
;
2660.788 1  ? ? ? ? 
3 non-polymer syn SPERMINE                                            202.340  1  ? ? ? ? 
4 water       nat water                                               18.015   74 ? ? ? ? 
# 
loop_
_entity_poly.entity_id 
_entity_poly.type 
_entity_poly.nstd_linkage 
_entity_poly.nstd_monomer 
_entity_poly.pdbx_seq_one_letter_code 
_entity_poly.pdbx_seq_one_letter_code_can 
_entity_poly.pdbx_strand_id 
_entity_poly.pdbx_target_identifier 
1 polyribonucleotide      no no  GAAGAAGAG                                GAAGAAGAG A ? 
2 polydeoxyribonucleotide no yes '(5CM)(DT)(DC)(DT)(DT)(DC)(DT)(DT)(5CM)' CTCTTCTTC B ? 
# 
loop_
_pdbx_entity_nonpoly.entity_id 
_pdbx_entity_nonpoly.name 
_pdbx_entity_nonpoly.comp_id 
3 SPERMINE SPM 
4 water    HOH 
# 
loop_
_entity_poly_seq.entity_id 
_entity_poly_seq.num 
_entity_poly_seq.mon_id 
_entity_poly_seq.hetero 
1 1 G   n 
1 2 A   n 
1 3 A   n 
1 4 G   n 
1 5 A   n 
1 6 A   n 
1 7 G   n 
1 8 A   n 
1 9 G   n 
2 1 5CM n 
2 2 DT  n 
2 3 DC  n 
2 4 DT  n 
2 5 DT  n 
2 6 DC  n 
2 7 DT  n 
2 8 DT  n 
2 9 5CM n 
# 
loop_
_pdbx_entity_src_syn.entity_id 
_pdbx_entity_src_syn.pdbx_src_id 
_pdbx_entity_src_syn.pdbx_alt_source_flag 
_pdbx_entity_src_syn.pdbx_beg_seq_num 
_pdbx_entity_src_syn.pdbx_end_seq_num 
_pdbx_entity_src_syn.organism_scientific 
_pdbx_entity_src_syn.organism_common_name 
_pdbx_entity_src_syn.ncbi_taxonomy_id 
_pdbx_entity_src_syn.details 
1 1 sample 1 9 'synthetic construct' ? 32630 ? 
2 1 sample 1 9 'synthetic construct' ? 32630 ? 
# 
loop_
_chem_comp.id 
_chem_comp.type 
_chem_comp.mon_nstd_flag 
_chem_comp.name 
_chem_comp.pdbx_synonyms 
_chem_comp.formula 
_chem_comp.formula_weight 
5CM 'DNA linking' n "5-METHYL-2'-DEOXY-CYTIDINE-5'-MONOPHOSPHATE" ? 'C10 H16 N3 O7 P' 321.224 
A   'RNA linking' y "ADENOSINE-5'-MONOPHOSPHATE"                  ? 'C10 H14 N5 O7 P' 347.221 
DC  'DNA linking' y "2'-DEOXYCYTIDINE-5'-MONOPHOSPHATE"           ? 'C9 H14 N3 O7 P'  307.197 
DT  'DNA linking' y "THYMIDINE-5'-MONOPHOSPHATE"                  ? 'C10 H15 N2 O8 P' 322.208 
G   'RNA linking' y "GUANOSINE-5'-MONOPHOSPHATE"                  ? 'C10 H14 N5 O8 P' 363.221 
HOH non-polymer   . WATER                                         ? 'H2 O'            18.015  
SPM non-polymer   . SPERMINE                                      ? 'C10 H26 N4'      202.340 
# 
loop_
_pdbx_poly_seq_scheme.asym_id 
_pdbx_poly_seq_scheme.entity_id 
_pdbx_poly_seq_scheme.seq_id 
_pdbx_poly_seq_scheme.mon_id 
_pdbx_poly_seq_scheme.ndb_seq_num 
_pdbx_poly_seq_scheme.pdb_seq_num 
_pdbx_poly_seq_scheme.auth_seq_num 
_pdbx_poly_seq_scheme.pdb_mon_id 
_pdbx_poly_seq_scheme.auth_mon_id 
_pdbx_poly_seq_scheme.pdb_strand_id 
_pdbx_poly_seq_scheme.pdb_ins_code 
_pdbx_poly_seq_scheme.hetero 
A 1 1 G   1 1 1 G   G   A . n 
A 1 2 A   2 2 2 A   A   A . n 
A 1 3 A   3 3 3 A   A   A . n 
A 1 4 G   4 4 4 G   G   A . n 
A 1 5 A   5 5 5 A   A   A . n 
A 1 6 A   6 6 6 A   A   A . n 
A 1 7 G   7 7 7 G   G   A . n 
A 1 8 A   8 8 8 A   A   A . n 
A 1 9 G   9 9 9 G   G   A . n 
B 2 1 5CM 1 1 1 5CM 5CM B . n 
B 2 2 DT  2 2 2 DT  DT  B . n 
B 2 3 DC  3 3 3 DC  DC  B . n 
B 2 4 DT  4 4 4 DT  DT  B . n 
B 2 5 DT  5 5 5 DT  DT  B . n 
B 2 6 DC  6 6 6 DC  DC  B . n 
B 2 7 DT  7 7 7 DT  DT  B . n 
B 2 8 DT  8 8 8 DT  DT  B . n 
B 2 9 5CM 9 9 9 5CM 5CM B . n 
# 
loop_
_pdbx_nonpoly_scheme.asym_id 
_pdbx_nonpoly_scheme.entity_id 
_pdbx_nonpoly_scheme.mon_id 
_pdbx_nonpoly_scheme.ndb_seq_num 
_pdbx_nonpoly_scheme.pdb_seq_num 
_pdbx_nonpoly_scheme.auth_seq_num 
_pdbx_nonpoly_scheme.pdb_mon_id 
_pdbx_nonpoly_scheme.auth_mon_id 
_pdbx_nonpoly_scheme.pdb_strand_id 
_pdbx_nonpoly_scheme.pdb_ins_code 
C 3 SPM 1  101 83 SPM SPM B . 
D 4 HOH 1  101 27 HOH HOH A . 
D 4 HOH 2  102 19 HOH HOH A . 
D 4 HOH 3  103 68 HOH HOH A . 
D 4 HOH 4  104 37 HOH HOH A . 
D 4 HOH 5  105 77 HOH HOH A . 
D 4 HOH 6  106 71 HOH HOH A . 
D 4 HOH 7  107 14 HOH HOH A . 
D 4 HOH 8  108 20 HOH HOH A . 
D 4 HOH 9  109 48 HOH HOH A . 
D 4 HOH 10 110 6  HOH HOH A . 
D 4 HOH 11 111 23 HOH HOH A . 
D 4 HOH 12 112 54 HOH HOH A . 
D 4 HOH 13 113 47 HOH HOH A . 
D 4 HOH 14 114 50 HOH HOH A . 
D 4 HOH 15 115 7  HOH HOH A . 
D 4 HOH 16 116 82 HOH HOH A . 
D 4 HOH 17 117 61 HOH HOH A . 
D 4 HOH 18 118 1  HOH HOH A . 
D 4 HOH 19 119 2  HOH HOH A . 
D 4 HOH 20 120 69 HOH HOH A . 
D 4 HOH 21 121 80 HOH HOH A . 
D 4 HOH 22 122 31 HOH HOH A . 
D 4 HOH 23 123 73 HOH HOH A . 
D 4 HOH 24 124 30 HOH HOH A . 
D 4 HOH 25 125 35 HOH HOH A . 
D 4 HOH 26 126 38 HOH HOH A . 
D 4 HOH 27 127 65 HOH HOH A . 
D 4 HOH 28 128 58 HOH HOH A . 
D 4 HOH 29 129 46 HOH HOH A . 
D 4 HOH 30 130 75 HOH HOH A . 
D 4 HOH 31 131 70 HOH HOH A . 
E 4 HOH 1  201 49 HOH HOH B . 
E 4 HOH 2  202 28 HOH HOH B . 
E 4 HOH 3  203 44 HOH HOH B . 
E 4 HOH 4  204 53 HOH HOH B . 
E 4 HOH 5  205 32 HOH HOH B . 
E 4 HOH 6  206 36 HOH HOH B . 
E 4 HOH 7  207 29 HOH HOH B . 
E 4 HOH 8  208 59 HOH HOH B . 
E 4 HOH 9  209 4  HOH HOH B . 
E 4 HOH 10 210 15 HOH HOH B . 
E 4 HOH 11 211 8  HOH HOH B . 
E 4 HOH 12 212 51 HOH HOH B . 
E 4 HOH 13 213 21 HOH HOH B . 
E 4 HOH 14 214 13 HOH HOH B . 
E 4 HOH 15 215 52 HOH HOH B . 
E 4 HOH 16 216 3  HOH HOH B . 
E 4 HOH 17 217 10 HOH HOH B . 
E 4 HOH 18 218 39 HOH HOH B . 
E 4 HOH 19 219 17 HOH HOH B . 
E 4 HOH 20 220 18 HOH HOH B . 
E 4 HOH 21 221 72 HOH HOH B . 
E 4 HOH 22 222 40 HOH HOH B . 
E 4 HOH 23 223 74 HOH HOH B . 
E 4 HOH 24 224 60 HOH HOH B . 
E 4 HOH 25 225 25 HOH HOH B . 
E 4 HOH 26 226 42 HOH HOH B . 
E 4 HOH 27 227 5  HOH HOH B . 
E 4 HOH 28 228 43 HOH HOH B . 
E 4 HOH 29 229 41 HOH HOH B . 
E 4 HOH 30 230 57 HOH HOH B . 
E 4 HOH 31 231 34 HOH HOH B . 
E 4 HOH 32 232 12 HOH HOH B . 
E 4 HOH 33 233 11 HOH HOH B . 
E 4 HOH 34 234 26 HOH HOH B . 
E 4 HOH 35 235 56 HOH HOH B . 
E 4 HOH 36 236 62 HOH HOH B . 
E 4 HOH 37 237 45 HOH HOH B . 
E 4 HOH 38 238 55 HOH HOH B . 
E 4 HOH 39 239 63 HOH HOH B . 
E 4 HOH 40 240 79 HOH HOH B . 
E 4 HOH 41 241 66 HOH HOH B . 
E 4 HOH 42 242 78 HOH HOH B . 
E 4 HOH 43 243 76 HOH HOH B . 
# 
loop_
_software.citation_id 
_software.classification 
_software.compiler_name 
_software.compiler_version 
_software.contact_author 
_software.contact_author_email 
_software.date 
_software.description 
_software.dependencies 
_software.hardware 
_software.language 
_software.location 
_software.mods 
_software.name 
_software.os 
_software.os_version 
_software.type 
_software.version 
_software.pdbx_ordinal 
? refinement       ? ? ? ? ? ? ? ? ? ? ? PHENIX ? ? ? '(1.20.1_4487: ???)' 1 
? 'data scaling'   ? ? ? ? ? ? ? ? ? ? ? XSCALE ? ? ? .                    2 
? 'data reduction' ? ? ? ? ? ? ? ? ? ? ? XDS    ? ? ? .                    3 
? phasing          ? ? ? ? ? ? ? ? ? ? ? PHASER ? ? ? .                    4 
# 
_cell.angle_alpha                  90.00 
_cell.angle_alpha_esd              ? 
_cell.angle_beta                   90.00 
_cell.angle_beta_esd               ? 
_cell.angle_gamma                  120.00 
_cell.angle_gamma_esd              ? 
_cell.entry_id                     9K8Z 
_cell.details                      ? 
_cell.formula_units_Z              ? 
_cell.length_a                     48.656 
_cell.length_a_esd                 ? 
_cell.length_b                     48.656 
_cell.length_b_esd                 ? 
_cell.length_c                     45.738 
_cell.length_c_esd                 ? 
_cell.volume                       ? 
_cell.volume_esd                   ? 
_cell.Z_PDB                        6 
_cell.reciprocal_angle_alpha       ? 
_cell.reciprocal_angle_beta        ? 
_cell.reciprocal_angle_gamma       ? 
_cell.reciprocal_angle_alpha_esd   ? 
_cell.reciprocal_angle_beta_esd    ? 
_cell.reciprocal_angle_gamma_esd   ? 
_cell.reciprocal_length_a          ? 
_cell.reciprocal_length_b          ? 
_cell.reciprocal_length_c          ? 
_cell.reciprocal_length_a_esd      ? 
_cell.reciprocal_length_b_esd      ? 
_cell.reciprocal_length_c_esd      ? 
_cell.pdbx_unique_axis             ? 
_cell.pdbx_esd_method              ? 
# 
_symmetry.entry_id                         9K8Z 
_symmetry.cell_setting                     ? 
_symmetry.Int_Tables_number                169 
_symmetry.space_group_name_Hall            ? 
_symmetry.space_group_name_H-M             'P 61' 
_symmetry.pdbx_full_space_group_name_H-M   ? 
# 
_exptl.absorpt_coefficient_mu     ? 
_exptl.absorpt_correction_T_max   ? 
_exptl.absorpt_correction_T_min   ? 
_exptl.absorpt_correction_type    ? 
_exptl.absorpt_process_details    ? 
_exptl.entry_id                   9K8Z 
_exptl.crystals_number            1 
_exptl.details                    ? 
_exptl.method                     'X-RAY DIFFRACTION' 
_exptl.method_details             ? 
# 
_exptl_crystal.colour                       ? 
_exptl_crystal.density_diffrn               ? 
_exptl_crystal.density_Matthews             2.77 
_exptl_crystal.density_method               ? 
_exptl_crystal.density_percent_sol          55.59 
_exptl_crystal.description                  ? 
_exptl_crystal.F_000                        ? 
_exptl_crystal.id                           1 
_exptl_crystal.preparation                  ? 
_exptl_crystal.size_max                     ? 
_exptl_crystal.size_mid                     ? 
_exptl_crystal.size_min                     ? 
_exptl_crystal.size_rad                     ? 
_exptl_crystal.colour_lustre                ? 
_exptl_crystal.colour_modifier              ? 
_exptl_crystal.colour_primary               ? 
_exptl_crystal.density_meas                 ? 
_exptl_crystal.density_meas_esd             ? 
_exptl_crystal.density_meas_gt              ? 
_exptl_crystal.density_meas_lt              ? 
_exptl_crystal.density_meas_temp            ? 
_exptl_crystal.density_meas_temp_esd        ? 
_exptl_crystal.density_meas_temp_gt         ? 
_exptl_crystal.density_meas_temp_lt         ? 
_exptl_crystal.pdbx_crystal_image_url       ? 
_exptl_crystal.pdbx_crystal_image_format    ? 
_exptl_crystal.pdbx_mosaicity               ? 
_exptl_crystal.pdbx_mosaicity_esd           ? 
_exptl_crystal.pdbx_mosaic_method           ? 
_exptl_crystal.pdbx_mosaic_block_size       ? 
_exptl_crystal.pdbx_mosaic_block_size_esd   ? 
# 
_exptl_crystal_grow.apparatus       ? 
_exptl_crystal_grow.atmosphere      ? 
_exptl_crystal_grow.crystal_id      1 
_exptl_crystal_grow.details         ? 
_exptl_crystal_grow.method          COUNTER-DIFFUSION 
_exptl_crystal_grow.method_ref      ? 
_exptl_crystal_grow.pH              ? 
_exptl_crystal_grow.pressure        ? 
_exptl_crystal_grow.pressure_esd    ? 
_exptl_crystal_grow.seeding         ? 
_exptl_crystal_grow.seeding_ref     ? 
_exptl_crystal_grow.temp_details    ? 
_exptl_crystal_grow.temp_esd        ? 
_exptl_crystal_grow.time            ? 
_exptl_crystal_grow.pdbx_details    'potassium chloride, MPD, spermine, MES' 
_exptl_crystal_grow.pdbx_pH_range   ? 
_exptl_crystal_grow.temp            293.15 
# 
_diffrn.ambient_environment              ? 
_diffrn.ambient_temp                     100 
_diffrn.ambient_temp_details             ? 
_diffrn.ambient_temp_esd                 ? 
_diffrn.crystal_id                       1 
_diffrn.crystal_support                  ? 
_diffrn.crystal_treatment                ? 
_diffrn.details                          ? 
_diffrn.id                               1 
_diffrn.ambient_pressure                 ? 
_diffrn.ambient_pressure_esd             ? 
_diffrn.ambient_pressure_gt              ? 
_diffrn.ambient_pressure_lt              ? 
_diffrn.ambient_temp_gt                  ? 
_diffrn.ambient_temp_lt                  ? 
_diffrn.pdbx_serial_crystal_experiment   N 
# 
_diffrn_detector.details                      ? 
_diffrn_detector.detector                     PIXEL 
_diffrn_detector.diffrn_id                    1 
_diffrn_detector.type                         'DECTRIS EIGER X 16M' 
_diffrn_detector.area_resol_mean              ? 
_diffrn_detector.dtime                        ? 
_diffrn_detector.pdbx_frames_total            ? 
_diffrn_detector.pdbx_collection_time_total   ? 
_diffrn_detector.pdbx_collection_date         2024-03-24 
_diffrn_detector.pdbx_frequency               ? 
_diffrn_detector.id                           ? 
_diffrn_detector.number_of_axes               ? 
# 
_diffrn_radiation.collimation                      ? 
_diffrn_radiation.diffrn_id                        1 
_diffrn_radiation.filter_edge                      ? 
_diffrn_radiation.inhomogeneity                    ? 
_diffrn_radiation.monochromator                    ? 
_diffrn_radiation.polarisn_norm                    ? 
_diffrn_radiation.polarisn_ratio                   ? 
_diffrn_radiation.probe                            ? 
_diffrn_radiation.type                             ? 
_diffrn_radiation.xray_symbol                      ? 
_diffrn_radiation.wavelength_id                    1 
_diffrn_radiation.pdbx_monochromatic_or_laue_m_l   M 
_diffrn_radiation.pdbx_wavelength_list             ? 
_diffrn_radiation.pdbx_wavelength                  ? 
_diffrn_radiation.pdbx_diffrn_protocol             'SINGLE WAVELENGTH' 
_diffrn_radiation.pdbx_analyzer                    ? 
_diffrn_radiation.pdbx_scattering_type             x-ray 
# 
_diffrn_radiation_wavelength.id           1 
_diffrn_radiation_wavelength.wavelength   0.98 
_diffrn_radiation_wavelength.wt           1.0 
# 
_diffrn_source.current                     ? 
_diffrn_source.details                     ? 
_diffrn_source.diffrn_id                   1 
_diffrn_source.power                       ? 
_diffrn_source.size                        ? 
_diffrn_source.source                      SYNCHROTRON 
_diffrn_source.target                      ? 
_diffrn_source.type                        'PHOTON FACTORY BEAMLINE BL-17A' 
_diffrn_source.voltage                     ? 
_diffrn_source.take-off_angle              ? 
_diffrn_source.pdbx_wavelength_list        0.98 
_diffrn_source.pdbx_wavelength             ? 
_diffrn_source.pdbx_synchrotron_beamline   BL-17A 
_diffrn_source.pdbx_synchrotron_site       'Photon Factory' 
# 
_reflns.B_iso_Wilson_estimate                          ? 
_reflns.entry_id                                       9K8Z 
_reflns.data_reduction_details                         ? 
_reflns.data_reduction_method                          ? 
_reflns.d_resolution_high                              1.40 
_reflns.d_resolution_low                               24.33 
_reflns.details                                        ? 
_reflns.limit_h_max                                    ? 
_reflns.limit_h_min                                    ? 
_reflns.limit_k_max                                    ? 
_reflns.limit_k_min                                    ? 
_reflns.limit_l_max                                    ? 
_reflns.limit_l_min                                    ? 
_reflns.number_all                                     ? 
_reflns.number_obs                                     12207 
_reflns.observed_criterion                             ? 
_reflns.observed_criterion_F_max                       ? 
_reflns.observed_criterion_F_min                       ? 
_reflns.observed_criterion_I_max                       ? 
_reflns.observed_criterion_I_min                       ? 
_reflns.observed_criterion_sigma_F                     ? 
_reflns.observed_criterion_sigma_I                     ? 
_reflns.percent_possible_obs                           99.9 
_reflns.R_free_details                                 ? 
_reflns.Rmerge_F_all                                   ? 
_reflns.Rmerge_F_obs                                   ? 
_reflns.Friedel_coverage                               ? 
_reflns.number_gt                                      ? 
_reflns.threshold_expression                           ? 
_reflns.pdbx_redundancy                                5.5 
_reflns.pdbx_netI_over_av_sigmaI                       ? 
_reflns.pdbx_netI_over_sigmaI                          20.74 
_reflns.pdbx_res_netI_over_av_sigmaI_2                 ? 
_reflns.pdbx_res_netI_over_sigmaI_2                    ? 
_reflns.pdbx_chi_squared                               ? 
_reflns.pdbx_scaling_rejects                           ? 
_reflns.pdbx_d_res_high_opt                            ? 
_reflns.pdbx_d_res_low_opt                             ? 
_reflns.pdbx_d_res_opt_method                          ? 
_reflns.phase_calculation_details                      ? 
_reflns.pdbx_Rrim_I_all                                0.042 
_reflns.pdbx_Rpim_I_all                                ? 
_reflns.pdbx_d_opt                                     ? 
_reflns.pdbx_number_measured_all                       ? 
_reflns.pdbx_diffrn_id                                 1 
_reflns.pdbx_ordinal                                   1 
_reflns.pdbx_CC_half                                   0.999 
_reflns.pdbx_CC_star                                   ? 
_reflns.pdbx_R_split                                   ? 
_reflns.pdbx_Rmerge_I_obs                              0.038 
_reflns.pdbx_Rmerge_I_all                              ? 
_reflns.pdbx_Rsym_value                                ? 
_reflns.pdbx_CC_split_method                           ? 
_reflns.pdbx_aniso_diffraction_limit_axis_1_ortho[1]   ? 
_reflns.pdbx_aniso_diffraction_limit_axis_1_ortho[2]   ? 
_reflns.pdbx_aniso_diffraction_limit_axis_1_ortho[3]   ? 
_reflns.pdbx_aniso_diffraction_limit_axis_2_ortho[1]   ? 
_reflns.pdbx_aniso_diffraction_limit_axis_2_ortho[2]   ? 
_reflns.pdbx_aniso_diffraction_limit_axis_2_ortho[3]   ? 
_reflns.pdbx_aniso_diffraction_limit_axis_3_ortho[1]   ? 
_reflns.pdbx_aniso_diffraction_limit_axis_3_ortho[2]   ? 
_reflns.pdbx_aniso_diffraction_limit_axis_3_ortho[3]   ? 
_reflns.pdbx_aniso_diffraction_limit_1                 ? 
_reflns.pdbx_aniso_diffraction_limit_2                 ? 
_reflns.pdbx_aniso_diffraction_limit_3                 ? 
_reflns.pdbx_aniso_B_tensor_eigenvector_1_ortho[1]     ? 
_reflns.pdbx_aniso_B_tensor_eigenvector_1_ortho[2]     ? 
_reflns.pdbx_aniso_B_tensor_eigenvector_1_ortho[3]     ? 
_reflns.pdbx_aniso_B_tensor_eigenvector_2_ortho[1]     ? 
_reflns.pdbx_aniso_B_tensor_eigenvector_2_ortho[2]     ? 
_reflns.pdbx_aniso_B_tensor_eigenvector_2_ortho[3]     ? 
_reflns.pdbx_aniso_B_tensor_eigenvector_3_ortho[1]     ? 
_reflns.pdbx_aniso_B_tensor_eigenvector_3_ortho[2]     ? 
_reflns.pdbx_aniso_B_tensor_eigenvector_3_ortho[3]     ? 
_reflns.pdbx_aniso_B_tensor_eigenvalue_1               ? 
_reflns.pdbx_aniso_B_tensor_eigenvalue_2               ? 
_reflns.pdbx_aniso_B_tensor_eigenvalue_3               ? 
_reflns.pdbx_orthogonalization_convention              ? 
_reflns.pdbx_percent_possible_ellipsoidal              ? 
_reflns.pdbx_percent_possible_spherical                ? 
_reflns.pdbx_percent_possible_ellipsoidal_anomalous    ? 
_reflns.pdbx_percent_possible_spherical_anomalous      ? 
_reflns.pdbx_redundancy_anomalous                      ? 
_reflns.pdbx_CC_half_anomalous                         ? 
_reflns.pdbx_absDiff_over_sigma_anomalous              ? 
_reflns.pdbx_percent_possible_anomalous                ? 
_reflns.pdbx_observed_signal_threshold                 ? 
_reflns.pdbx_signal_type                               ? 
_reflns.pdbx_signal_details                            ? 
_reflns.pdbx_signal_software_id                        ? 
# 
loop_
_reflns_shell.d_res_high 
_reflns_shell.d_res_low 
_reflns_shell.meanI_over_sigI_all 
_reflns_shell.meanI_over_sigI_obs 
_reflns_shell.number_measured_all 
_reflns_shell.number_measured_obs 
_reflns_shell.number_possible 
_reflns_shell.number_unique_all 
_reflns_shell.number_unique_obs 
_reflns_shell.percent_possible_obs 
_reflns_shell.Rmerge_F_all 
_reflns_shell.Rmerge_F_obs 
_reflns_shell.meanI_over_sigI_gt 
_reflns_shell.meanI_over_uI_all 
_reflns_shell.meanI_over_uI_gt 
_reflns_shell.number_measured_gt 
_reflns_shell.number_unique_gt 
_reflns_shell.percent_possible_gt 
_reflns_shell.Rmerge_F_gt 
_reflns_shell.Rmerge_I_gt 
_reflns_shell.pdbx_redundancy 
_reflns_shell.pdbx_chi_squared 
_reflns_shell.pdbx_netI_over_sigmaI_all 
_reflns_shell.pdbx_netI_over_sigmaI_obs 
_reflns_shell.pdbx_Rrim_I_all 
_reflns_shell.pdbx_Rpim_I_all 
_reflns_shell.pdbx_rejects 
_reflns_shell.pdbx_ordinal 
_reflns_shell.pdbx_diffrn_id 
_reflns_shell.pdbx_CC_half 
_reflns_shell.pdbx_CC_star 
_reflns_shell.pdbx_R_split 
_reflns_shell.percent_possible_all 
_reflns_shell.Rmerge_I_all 
_reflns_shell.Rmerge_I_obs 
_reflns_shell.pdbx_Rsym_value 
_reflns_shell.pdbx_percent_possible_ellipsoidal 
_reflns_shell.pdbx_percent_possible_spherical 
_reflns_shell.pdbx_percent_possible_ellipsoidal_anomalous 
_reflns_shell.pdbx_percent_possible_spherical_anomalous 
_reflns_shell.pdbx_redundancy_anomalous 
_reflns_shell.pdbx_CC_half_anomalous 
_reflns_shell.pdbx_absDiff_over_sigma_anomalous 
_reflns_shell.pdbx_percent_possible_anomalous 
1.43 1.44  ? ? ? ? ? ? 222  ? ? ? ? ? ? ? ? ? ? ? ? ? ? ? 0.386 ? ? 1  1 0.93  ? ? ? ? 0.351 ? ? ? ? ? ? ? ? ? 
1.44 1.45  ? ? ? ? ? ? 246  ? ? ? ? ? ? ? ? ? ? ? ? ? ? ? 0.429 ? ? 2  1 0.915 ? ? ? ? 0.389 ? ? ? ? ? ? ? ? ? 
1.45 1.46  ? ? ? ? ? ? 207  ? ? ? ? ? ? ? ? ? ? ? ? ? ? ? 0.399 ? ? 3  1 0.91  ? ? ? ? 0.362 ? ? ? ? ? ? ? ? ? 
1.46 1.47  ? ? ? ? ? ? 231  ? ? ? ? ? ? ? ? ? ? ? ? ? ? ? 0.426 ? ? 4  1 0.904 ? ? ? ? 0.386 ? ? ? ? ? ? ? ? ? 
1.47 1.5   ? ? ? ? ? ? 614  ? ? ? ? ? ? ? ? ? ? ? ? ? ? ? 0.297 ? ? 5  1 0.946 ? ? ? ? 0.27  ? ? ? ? ? ? ? ? ? 
1.50 1.6   ? ? ? ? ? ? 1717 ? ? ? ? ? ? ? ? ? ? ? ? ? ? ? 0.22  ? ? 6  1 0.976 ? ? ? ? 0.199 ? ? ? ? ? ? ? ? ? 
1.60 2.0   ? ? ? ? ? ? 3991 ? ? ? ? ? ? ? ? ? ? ? ? ? ? ? 0.087 ? ? 7  1 0.996 ? ? ? ? 0.078 ? ? ? ? ? ? ? ? ? 
2.00 3.0   ? ? ? ? ? ? 2944 ? ? ? ? ? ? ? ? ? ? ? ? ? ? ? 0.048 ? ? 8  1 0.999 ? ? ? ? 0.043 ? ? ? ? ? ? ? ? ? 
3.00 4.0   ? ? ? ? ? ? 733  ? ? ? ? ? ? ? ? ? ? ? ? ? ? ? 0.035 ? ? 9  1 0.999 ? ? ? ? 0.032 ? ? ? ? ? ? ? ? ? 
4.00 5.0   ? ? ? ? ? ? 253  ? ? ? ? ? ? ? ? ? ? ? ? ? ? ? 0.033 ? ? 10 1 0.998 ? ? ? ? 0.03  ? ? ? ? ? ? ? ? ? 
5.00 24.33 ? ? ? ? ? ? 285  ? ? ? ? ? ? ? ? ? ? ? ? ? ? ? 0.028 ? ? 11 1 0.999 ? ? ? ? 0.025 ? ? ? ? ? ? ? ? ? 
# 
_refine.aniso_B[1][1]                            ? 
_refine.aniso_B[1][2]                            ? 
_refine.aniso_B[1][3]                            ? 
_refine.aniso_B[2][2]                            ? 
_refine.aniso_B[2][3]                            ? 
_refine.aniso_B[3][3]                            ? 
_refine.B_iso_max                                ? 
_refine.B_iso_mean                               ? 
_refine.B_iso_min                                ? 
_refine.correlation_coeff_Fo_to_Fc               ? 
_refine.correlation_coeff_Fo_to_Fc_free          ? 
_refine.details                                  ? 
_refine.diff_density_max                         ? 
_refine.diff_density_max_esd                     ? 
_refine.diff_density_min                         ? 
_refine.diff_density_min_esd                     ? 
_refine.diff_density_rms                         ? 
_refine.diff_density_rms_esd                     ? 
_refine.entry_id                                 9K8Z 
_refine.pdbx_refine_id                           'X-RAY DIFFRACTION' 
_refine.ls_abs_structure_details                 ? 
_refine.ls_abs_structure_Flack                   ? 
_refine.ls_abs_structure_Flack_esd               ? 
_refine.ls_abs_structure_Rogers                  ? 
_refine.ls_abs_structure_Rogers_esd              ? 
_refine.ls_d_res_high                            1.40 
_refine.ls_d_res_low                             24.33 
_refine.ls_extinction_coef                       ? 
_refine.ls_extinction_coef_esd                   ? 
_refine.ls_extinction_expression                 ? 
_refine.ls_extinction_method                     ? 
_refine.ls_goodness_of_fit_all                   ? 
_refine.ls_goodness_of_fit_all_esd               ? 
_refine.ls_goodness_of_fit_obs                   ? 
_refine.ls_goodness_of_fit_obs_esd               ? 
_refine.ls_hydrogen_treatment                    ? 
_refine.ls_matrix_type                           ? 
_refine.ls_number_constraints                    ? 
_refine.ls_number_parameters                     ? 
_refine.ls_number_reflns_all                     ? 
_refine.ls_number_reflns_obs                     12207 
_refine.ls_number_reflns_R_free                  1236 
_refine.ls_number_reflns_R_work                  ? 
_refine.ls_number_restraints                     ? 
_refine.ls_percent_reflns_obs                    99.71 
_refine.ls_percent_reflns_R_free                 10.13 
_refine.ls_R_factor_all                          ? 
_refine.ls_R_factor_obs                          0.1862 
_refine.ls_R_factor_R_free                       0.1957 
_refine.ls_R_factor_R_free_error                 ? 
_refine.ls_R_factor_R_free_error_details         ? 
_refine.ls_R_factor_R_work                       0.1851 
_refine.ls_R_Fsqd_factor_obs                     ? 
_refine.ls_R_I_factor_obs                        ? 
_refine.ls_redundancy_reflns_all                 ? 
_refine.ls_redundancy_reflns_obs                 ? 
_refine.ls_restrained_S_all                      ? 
_refine.ls_restrained_S_obs                      ? 
_refine.ls_shift_over_esd_max                    ? 
_refine.ls_shift_over_esd_mean                   ? 
_refine.ls_structure_factor_coef                 ? 
_refine.ls_weighting_details                     ? 
_refine.ls_weighting_scheme                      ? 
_refine.ls_wR_factor_all                         ? 
_refine.ls_wR_factor_obs                         ? 
_refine.ls_wR_factor_R_free                      ? 
_refine.ls_wR_factor_R_work                      ? 
_refine.occupancy_max                            ? 
_refine.occupancy_min                            ? 
_refine.solvent_model_details                    'FLAT BULK SOLVENT MODEL' 
_refine.solvent_model_param_bsol                 ? 
_refine.solvent_model_param_ksol                 ? 
_refine.pdbx_R_complete                          ? 
_refine.ls_R_factor_gt                           ? 
_refine.ls_goodness_of_fit_gt                    ? 
_refine.ls_goodness_of_fit_ref                   ? 
_refine.ls_shift_over_su_max                     ? 
_refine.ls_shift_over_su_max_lt                  ? 
_refine.ls_shift_over_su_mean                    ? 
_refine.ls_shift_over_su_mean_lt                 ? 
_refine.pdbx_ls_sigma_I                          ? 
_refine.pdbx_ls_sigma_F                          1.40 
_refine.pdbx_ls_sigma_Fsqd                       ? 
_refine.pdbx_data_cutoff_high_absF               ? 
_refine.pdbx_data_cutoff_high_rms_absF           ? 
_refine.pdbx_data_cutoff_low_absF                ? 
_refine.pdbx_isotropic_thermal_model             ? 
_refine.pdbx_ls_cross_valid_method               'FREE R-VALUE' 
_refine.pdbx_method_to_determine_struct          'MOLECULAR REPLACEMENT' 
_refine.pdbx_starting_model                      4U6M 
_refine.pdbx_stereochemistry_target_values       ML 
_refine.pdbx_R_Free_selection_details            ? 
_refine.pdbx_stereochem_target_val_spec_case     ? 
_refine.pdbx_overall_ESU_R                       ? 
_refine.pdbx_overall_ESU_R_Free                  ? 
_refine.pdbx_solvent_vdw_probe_radii             1.10 
_refine.pdbx_solvent_ion_probe_radii             ? 
_refine.pdbx_solvent_shrinkage_radii             0.90 
_refine.pdbx_real_space_R                        ? 
_refine.pdbx_density_correlation                 ? 
_refine.pdbx_pd_number_of_powder_patterns        ? 
_refine.pdbx_pd_number_of_points                 ? 
_refine.pdbx_pd_meas_number_of_points            ? 
_refine.pdbx_pd_proc_ls_prof_R_factor            ? 
_refine.pdbx_pd_proc_ls_prof_wR_factor           ? 
_refine.pdbx_pd_Marquardt_correlation_coeff      ? 
_refine.pdbx_pd_Fsqrd_R_factor                   ? 
_refine.pdbx_pd_ls_matrix_band_width             ? 
_refine.pdbx_overall_phase_error                 25.41 
_refine.pdbx_overall_SU_R_free_Cruickshank_DPI   ? 
_refine.pdbx_overall_SU_R_free_Blow_DPI          ? 
_refine.pdbx_overall_SU_R_Blow_DPI               ? 
_refine.pdbx_TLS_residual_ADP_flag               ? 
_refine.pdbx_diffrn_id                           1 
_refine.overall_SU_B                             ? 
_refine.overall_SU_ML                            0.15 
_refine.overall_SU_R_Cruickshank_DPI             ? 
_refine.overall_SU_R_free                        ? 
_refine.overall_FOM_free_R_set                   ? 
_refine.overall_FOM_work_R_set                   ? 
_refine.pdbx_average_fsc_overall                 ? 
_refine.pdbx_average_fsc_work                    ? 
_refine.pdbx_average_fsc_free                    ? 
# 
_refine_hist.pdbx_refine_id                   'X-RAY DIFFRACTION' 
_refine_hist.cycle_id                         LAST 
_refine_hist.details                          ? 
_refine_hist.d_res_high                       1.40 
_refine_hist.d_res_low                        24.33 
_refine_hist.number_atoms_solvent             74 
_refine_hist.number_atoms_total               462 
_refine_hist.number_reflns_all                ? 
_refine_hist.number_reflns_obs                ? 
_refine_hist.number_reflns_R_free             ? 
_refine_hist.number_reflns_R_work             ? 
_refine_hist.R_factor_all                     ? 
_refine_hist.R_factor_obs                     ? 
_refine_hist.R_factor_R_free                  ? 
_refine_hist.R_factor_R_work                  ? 
_refine_hist.pdbx_number_residues_total       ? 
_refine_hist.pdbx_B_iso_mean_ligand           ? 
_refine_hist.pdbx_B_iso_mean_solvent          ? 
_refine_hist.pdbx_number_atoms_protein        0 
_refine_hist.pdbx_number_atoms_nucleic_acid   374 
_refine_hist.pdbx_number_atoms_ligand         14 
_refine_hist.pdbx_number_atoms_lipid          ? 
_refine_hist.pdbx_number_atoms_carb           ? 
_refine_hist.pdbx_pseudo_atom_details         ? 
# 
loop_
_refine_ls_restr.pdbx_refine_id 
_refine_ls_restr.criterion 
_refine_ls_restr.dev_ideal 
_refine_ls_restr.dev_ideal_target 
_refine_ls_restr.number 
_refine_ls_restr.rejects 
_refine_ls_restr.type 
_refine_ls_restr.weight 
_refine_ls_restr.pdbx_restraint_function 
'X-RAY DIFFRACTION' ? 0.006  ? ?   ? f_bond_d           ? ? 
'X-RAY DIFFRACTION' ? 1.037  ? ?   ? f_angle_d          ? ? 
'X-RAY DIFFRACTION' ? 10.619 ? 189 ? f_dihedral_angle_d ? ? 
'X-RAY DIFFRACTION' ? 0.038  ? 78  ? f_chiral_restr     ? ? 
'X-RAY DIFFRACTION' ? 0.008  ? 18  ? f_plane_restr      ? ? 
# 
loop_
_refine_ls_shell.pdbx_refine_id 
_refine_ls_shell.d_res_high 
_refine_ls_shell.d_res_low 
_refine_ls_shell.number_reflns_all 
_refine_ls_shell.number_reflns_obs 
_refine_ls_shell.number_reflns_R_free 
_refine_ls_shell.number_reflns_R_work 
_refine_ls_shell.percent_reflns_obs 
_refine_ls_shell.percent_reflns_R_free 
_refine_ls_shell.R_factor_all 
_refine_ls_shell.R_factor_obs 
_refine_ls_shell.R_factor_R_free_error 
_refine_ls_shell.R_factor_R_work 
_refine_ls_shell.redundancy_reflns_all 
_refine_ls_shell.redundancy_reflns_obs 
_refine_ls_shell.wR_factor_all 
_refine_ls_shell.wR_factor_obs 
_refine_ls_shell.wR_factor_R_free 
_refine_ls_shell.wR_factor_R_work 
_refine_ls_shell.pdbx_R_complete 
_refine_ls_shell.pdbx_total_number_of_bins_used 
_refine_ls_shell.pdbx_phase_error 
_refine_ls_shell.pdbx_fsc_work 
_refine_ls_shell.pdbx_fsc_free 
_refine_ls_shell.R_factor_R_free 
'X-RAY DIFFRACTION' 1.40 1.45  . . 140 1192 98.00  . . . . 0.2620 . . . . . . . . . . . 0.2587 
'X-RAY DIFFRACTION' 1.45 1.52  . . 140 1225 100.00 . . . . 0.2300 . . . . . . . . . . . 0.2622 
'X-RAY DIFFRACTION' 1.52 1.60  . . 132 1188 100.00 . . . . 0.2184 . . . . . . . . . . . 0.2474 
'X-RAY DIFFRACTION' 1.60 1.70  . . 137 1222 100.00 . . . . 0.2188 . . . . . . . . . . . 0.2284 
'X-RAY DIFFRACTION' 1.70 1.83  . . 139 1222 100.00 . . . . 0.2045 . . . . . . . . . . . 0.2255 
'X-RAY DIFFRACTION' 1.83 2.02  . . 139 1216 100.00 . . . . 0.2077 . . . . . . . . . . . 0.2441 
'X-RAY DIFFRACTION' 2.02 2.31  . . 140 1227 100.00 . . . . 0.2097 . . . . . . . . . . . 0.2101 
'X-RAY DIFFRACTION' 2.31 2.91  . . 132 1234 100.00 . . . . 0.2093 . . . . . . . . . . . 0.2077 
'X-RAY DIFFRACTION' 2.91 24.33 . . 137 1245 100.00 . . . . 0.1455 . . . . . . . . . . . 0.1538 
# 
_struct.entry_id                     9K8Z 
_struct.title                        
'Crystal structure of DNA/RNA duplex obtained using the counter diffusion method in space (K form)' 
_struct.pdbx_model_details           ? 
_struct.pdbx_formula_weight          ? 
_struct.pdbx_formula_weight_method   ? 
_struct.pdbx_model_type_details      ? 
_struct.pdbx_CASP_flag               N 
# 
_struct_keywords.entry_id        9K8Z 
_struct_keywords.text            'counter diffusion method, space, microgravity, RNA-DNA complex' 
_struct_keywords.pdbx_keywords   RNA/DNA 
# 
loop_
_struct_asym.id 
_struct_asym.pdbx_blank_PDB_chainid_flag 
_struct_asym.pdbx_modified 
_struct_asym.entity_id 
_struct_asym.details 
A N N 1 ? 
B N N 2 ? 
C N N 3 ? 
D N N 4 ? 
E N N 4 ? 
# 
loop_
_struct_ref.id 
_struct_ref.db_name 
_struct_ref.db_code 
_struct_ref.pdbx_db_accession 
_struct_ref.pdbx_db_isoform 
_struct_ref.entity_id 
_struct_ref.pdbx_seq_one_letter_code 
_struct_ref.pdbx_align_begin 
1 PDB 9K8Z 9K8Z ? 1 ? 1 
2 PDB 9K8Z 9K8Z ? 2 ? 1 
# 
loop_
_struct_ref_seq.align_id 
_struct_ref_seq.ref_id 
_struct_ref_seq.pdbx_PDB_id_code 
_struct_ref_seq.pdbx_strand_id 
_struct_ref_seq.seq_align_beg 
_struct_ref_seq.pdbx_seq_align_beg_ins_code 
_struct_ref_seq.seq_align_end 
_struct_ref_seq.pdbx_seq_align_end_ins_code 
_struct_ref_seq.pdbx_db_accession 
_struct_ref_seq.db_align_beg 
_struct_ref_seq.pdbx_db_align_beg_ins_code 
_struct_ref_seq.db_align_end 
_struct_ref_seq.pdbx_db_align_end_ins_code 
_struct_ref_seq.pdbx_auth_seq_align_beg 
_struct_ref_seq.pdbx_auth_seq_align_end 
1 1 9K8Z A 1 ? 9 ? 9K8Z 1 ? 9 ? 1 9 
2 2 9K8Z B 1 ? 9 ? 9K8Z 1 ? 9 ? 1 9 
# 
_pdbx_struct_assembly.id                   1 
_pdbx_struct_assembly.details              author_and_software_defined_assembly 
_pdbx_struct_assembly.method_details       PISA 
_pdbx_struct_assembly.oligomeric_details   dimeric 
_pdbx_struct_assembly.oligomeric_count     2 
# 
loop_
_pdbx_struct_assembly_prop.biol_id 
_pdbx_struct_assembly_prop.type 
_pdbx_struct_assembly_prop.value 
_pdbx_struct_assembly_prop.details 
1 'ABSA (A^2)' 1700 ? 
1 MORE         -2   ? 
1 'SSA (A^2)'  3490 ? 
# 
_pdbx_struct_assembly_gen.assembly_id       1 
_pdbx_struct_assembly_gen.oper_expression   1 
_pdbx_struct_assembly_gen.asym_id_list      A,B,C,D,E 
# 
_pdbx_struct_assembly_auth_evidence.id                     1 
_pdbx_struct_assembly_auth_evidence.assembly_id            1 
_pdbx_struct_assembly_auth_evidence.experimental_support   none 
_pdbx_struct_assembly_auth_evidence.details                ? 
# 
_pdbx_struct_oper_list.id                   1 
_pdbx_struct_oper_list.type                 'identity operation' 
_pdbx_struct_oper_list.name                 1_555 
_pdbx_struct_oper_list.symmetry_operation   x,y,z 
_pdbx_struct_oper_list.matrix[1][1]         1.0000000000 
_pdbx_struct_oper_list.matrix[1][2]         0.0000000000 
_pdbx_struct_oper_list.matrix[1][3]         0.0000000000 
_pdbx_struct_oper_list.vector[1]            0.0000000000 
_pdbx_struct_oper_list.matrix[2][1]         0.0000000000 
_pdbx_struct_oper_list.matrix[2][2]         1.0000000000 
_pdbx_struct_oper_list.matrix[2][3]         0.0000000000 
_pdbx_struct_oper_list.vector[2]            0.0000000000 
_pdbx_struct_oper_list.matrix[3][1]         0.0000000000 
_pdbx_struct_oper_list.matrix[3][2]         0.0000000000 
_pdbx_struct_oper_list.matrix[3][3]         1.0000000000 
_pdbx_struct_oper_list.vector[3]            0.0000000000 
# 
loop_
_struct_conn.id 
_struct_conn.conn_type_id 
_struct_conn.pdbx_leaving_atom_flag 
_struct_conn.pdbx_PDB_id 
_struct_conn.ptnr1_label_asym_id 
_struct_conn.ptnr1_label_comp_id 
_struct_conn.ptnr1_label_seq_id 
_struct_conn.ptnr1_label_atom_id 
_struct_conn.pdbx_ptnr1_label_alt_id 
_struct_conn.pdbx_ptnr1_PDB_ins_code 
_struct_conn.pdbx_ptnr1_standard_comp_id 
_struct_conn.ptnr1_symmetry 
_struct_conn.ptnr2_label_asym_id 
_struct_conn.ptnr2_label_comp_id 
_struct_conn.ptnr2_label_seq_id 
_struct_conn.ptnr2_label_atom_id 
_struct_conn.pdbx_ptnr2_label_alt_id 
_struct_conn.pdbx_ptnr2_PDB_ins_code 
_struct_conn.ptnr1_auth_asym_id 
_struct_conn.ptnr1_auth_comp_id 
_struct_conn.ptnr1_auth_seq_id 
_struct_conn.ptnr2_auth_asym_id 
_struct_conn.ptnr2_auth_comp_id 
_struct_conn.ptnr2_auth_seq_id 
_struct_conn.ptnr2_symmetry 
_struct_conn.pdbx_ptnr3_label_atom_id 
_struct_conn.pdbx_ptnr3_label_seq_id 
_struct_conn.pdbx_ptnr3_label_comp_id 
_struct_conn.pdbx_ptnr3_label_asym_id 
_struct_conn.pdbx_ptnr3_label_alt_id 
_struct_conn.pdbx_ptnr3_PDB_ins_code 
_struct_conn.details 
_struct_conn.pdbx_dist_value 
_struct_conn.pdbx_value_order 
_struct_conn.pdbx_role 
covale1  covale both ? B 5CM 1 "O3'" ? ? ? 1_555 B DT  2 P  ? ? B 5CM 1 B DT  2 1_555 ? ? ? ? ? ? ?            1.609 ? ? 
covale2  covale both ? B DT  8 "O3'" ? ? ? 1_555 B 5CM 9 P  ? ? B DT  8 B 5CM 9 1_555 ? ? ? ? ? ? ?            1.605 ? ? 
hydrog1  hydrog ?    ? A G   1 N1    ? ? ? 1_555 B 5CM 9 N3 ? ? A G   1 B 5CM 9 1_555 ? ? ? ? ? ? WATSON-CRICK ?     ? ? 
hydrog2  hydrog ?    ? A G   1 N2    ? ? ? 1_555 B 5CM 9 O2 ? ? A G   1 B 5CM 9 1_555 ? ? ? ? ? ? WATSON-CRICK ?     ? ? 
hydrog3  hydrog ?    ? A G   1 O6    ? ? ? 1_555 B 5CM 9 N4 ? ? A G   1 B 5CM 9 1_555 ? ? ? ? ? ? WATSON-CRICK ?     ? ? 
hydrog4  hydrog ?    ? A A   2 N1    ? ? ? 1_555 B DT  8 N3 ? ? A A   2 B DT  8 1_555 ? ? ? ? ? ? WATSON-CRICK ?     ? ? 
hydrog5  hydrog ?    ? A A   2 N6    ? ? ? 1_555 B DT  8 O4 ? ? A A   2 B DT  8 1_555 ? ? ? ? ? ? WATSON-CRICK ?     ? ? 
hydrog6  hydrog ?    ? A A   3 N1    ? ? ? 1_555 B DT  7 N3 ? ? A A   3 B DT  7 1_555 ? ? ? ? ? ? WATSON-CRICK ?     ? ? 
hydrog7  hydrog ?    ? A A   3 N6    ? ? ? 1_555 B DT  7 O4 ? ? A A   3 B DT  7 1_555 ? ? ? ? ? ? WATSON-CRICK ?     ? ? 
hydrog8  hydrog ?    ? A G   4 N1    ? ? ? 1_555 B DC  6 N3 ? ? A G   4 B DC  6 1_555 ? ? ? ? ? ? WATSON-CRICK ?     ? ? 
hydrog9  hydrog ?    ? A G   4 N2    ? ? ? 1_555 B DC  6 O2 ? ? A G   4 B DC  6 1_555 ? ? ? ? ? ? WATSON-CRICK ?     ? ? 
hydrog10 hydrog ?    ? A G   4 O6    ? ? ? 1_555 B DC  6 N4 ? ? A G   4 B DC  6 1_555 ? ? ? ? ? ? WATSON-CRICK ?     ? ? 
hydrog11 hydrog ?    ? A A   5 N1    ? ? ? 1_555 B DT  5 N3 ? ? A A   5 B DT  5 1_555 ? ? ? ? ? ? WATSON-CRICK ?     ? ? 
hydrog12 hydrog ?    ? A A   5 N6    ? ? ? 1_555 B DT  5 O4 ? ? A A   5 B DT  5 1_555 ? ? ? ? ? ? WATSON-CRICK ?     ? ? 
hydrog13 hydrog ?    ? A A   6 N1    ? ? ? 1_555 B DT  4 N3 ? ? A A   6 B DT  4 1_555 ? ? ? ? ? ? WATSON-CRICK ?     ? ? 
hydrog14 hydrog ?    ? A A   6 N6    ? ? ? 1_555 B DT  4 O4 ? ? A A   6 B DT  4 1_555 ? ? ? ? ? ? WATSON-CRICK ?     ? ? 
hydrog15 hydrog ?    ? A G   7 N1    ? ? ? 1_555 B DC  3 N3 ? ? A G   7 B DC  3 1_555 ? ? ? ? ? ? WATSON-CRICK ?     ? ? 
hydrog16 hydrog ?    ? A G   7 N2    ? ? ? 1_555 B DC  3 O2 ? ? A G   7 B DC  3 1_555 ? ? ? ? ? ? WATSON-CRICK ?     ? ? 
hydrog17 hydrog ?    ? A G   7 O6    ? ? ? 1_555 B DC  3 N4 ? ? A G   7 B DC  3 1_555 ? ? ? ? ? ? WATSON-CRICK ?     ? ? 
hydrog18 hydrog ?    ? A A   8 N1    ? ? ? 1_555 B DT  2 N3 ? ? A A   8 B DT  2 1_555 ? ? ? ? ? ? WATSON-CRICK ?     ? ? 
hydrog19 hydrog ?    ? A A   8 N6    ? ? ? 1_555 B DT  2 O4 ? ? A A   8 B DT  2 1_555 ? ? ? ? ? ? WATSON-CRICK ?     ? ? 
hydrog20 hydrog ?    ? A G   9 N1    ? ? ? 1_555 B 5CM 1 N3 ? ? A G   9 B 5CM 1 1_555 ? ? ? ? ? ? WATSON-CRICK ?     ? ? 
hydrog21 hydrog ?    ? A G   9 N2    ? ? ? 1_555 B 5CM 1 O2 ? ? A G   9 B 5CM 1 1_555 ? ? ? ? ? ? WATSON-CRICK ?     ? ? 
hydrog22 hydrog ?    ? A G   9 O6    ? ? ? 1_555 B 5CM 1 N4 ? ? A G   9 B 5CM 1 1_555 ? ? ? ? ? ? WATSON-CRICK ?     ? ? 
# 
loop_
_struct_conn_type.id 
_struct_conn_type.criteria 
_struct_conn_type.reference 
covale ? ? 
hydrog ? ? 
# 
_pdbx_entry_details.entry_id                   9K8Z 
_pdbx_entry_details.nonpolymer_details         ? 
_pdbx_entry_details.sequence_details           ? 
_pdbx_entry_details.compound_details           ? 
_pdbx_entry_details.source_details             ? 
_pdbx_entry_details.has_ligand_of_interest     N 
_pdbx_entry_details.has_protein_modification   N 
# 
loop_
_chem_comp_atom.comp_id 
_chem_comp_atom.atom_id 
_chem_comp_atom.type_symbol 
_chem_comp_atom.pdbx_aromatic_flag 
_chem_comp_atom.pdbx_stereo_config 
_chem_comp_atom.pdbx_ordinal 
5CM N1     N N N 1   
5CM C2     C N N 2   
5CM N3     N N N 3   
5CM C4     C N N 4   
5CM C5     C N N 5   
5CM C5A    C N N 6   
5CM C6     C N N 7   
5CM O2     O N N 8   
5CM N4     N N N 9   
5CM "C1'"  C N R 10  
5CM "C2'"  C N N 11  
5CM "C3'"  C N S 12  
5CM "C4'"  C N R 13  
5CM "O4'"  O N N 14  
5CM "O3'"  O N N 15  
5CM "C5'"  C N N 16  
5CM "O5'"  O N N 17  
5CM P      P N N 18  
5CM OP1    O N N 19  
5CM OP2    O N N 20  
5CM OP3    O N N 21  
5CM H5A1   H N N 22  
5CM H5A2   H N N 23  
5CM H5A3   H N N 24  
5CM H6     H N N 25  
5CM HN41   H N N 26  
5CM HN42   H N N 27  
5CM "H1'"  H N N 28  
5CM "H2'"  H N N 29  
5CM "H2''" H N N 30  
5CM "H3'"  H N N 31  
5CM "H4'"  H N N 32  
5CM "HO3'" H N N 33  
5CM "H5'"  H N N 34  
5CM "H5''" H N N 35  
5CM HOP2   H N N 36  
5CM HOP3   H N N 37  
A   OP3    O N N 38  
A   P      P N N 39  
A   OP1    O N N 40  
A   OP2    O N N 41  
A   "O5'"  O N N 42  
A   "C5'"  C N N 43  
A   "C4'"  C N R 44  
A   "O4'"  O N N 45  
A   "C3'"  C N S 46  
A   "O3'"  O N N 47  
A   "C2'"  C N R 48  
A   "O2'"  O N N 49  
A   "C1'"  C N R 50  
A   N9     N Y N 51  
A   C8     C Y N 52  
A   N7     N Y N 53  
A   C5     C Y N 54  
A   C6     C Y N 55  
A   N6     N N N 56  
A   N1     N Y N 57  
A   C2     C Y N 58  
A   N3     N Y N 59  
A   C4     C Y N 60  
A   HOP3   H N N 61  
A   HOP2   H N N 62  
A   "H5'"  H N N 63  
A   "H5''" H N N 64  
A   "H4'"  H N N 65  
A   "H3'"  H N N 66  
A   "HO3'" H N N 67  
A   "H2'"  H N N 68  
A   "HO2'" H N N 69  
A   "H1'"  H N N 70  
A   H8     H N N 71  
A   H61    H N N 72  
A   H62    H N N 73  
A   H2     H N N 74  
DC  OP3    O N N 75  
DC  P      P N N 76  
DC  OP1    O N N 77  
DC  OP2    O N N 78  
DC  "O5'"  O N N 79  
DC  "C5'"  C N N 80  
DC  "C4'"  C N R 81  
DC  "O4'"  O N N 82  
DC  "C3'"  C N S 83  
DC  "O3'"  O N N 84  
DC  "C2'"  C N N 85  
DC  "C1'"  C N R 86  
DC  N1     N N N 87  
DC  C2     C N N 88  
DC  O2     O N N 89  
DC  N3     N N N 90  
DC  C4     C N N 91  
DC  N4     N N N 92  
DC  C5     C N N 93  
DC  C6     C N N 94  
DC  HOP3   H N N 95  
DC  HOP2   H N N 96  
DC  "H5'"  H N N 97  
DC  "H5''" H N N 98  
DC  "H4'"  H N N 99  
DC  "H3'"  H N N 100 
DC  "HO3'" H N N 101 
DC  "H2'"  H N N 102 
DC  "H2''" H N N 103 
DC  "H1'"  H N N 104 
DC  H41    H N N 105 
DC  H42    H N N 106 
DC  H5     H N N 107 
DC  H6     H N N 108 
DT  OP3    O N N 109 
DT  P      P N N 110 
DT  OP1    O N N 111 
DT  OP2    O N N 112 
DT  "O5'"  O N N 113 
DT  "C5'"  C N N 114 
DT  "C4'"  C N R 115 
DT  "O4'"  O N N 116 
DT  "C3'"  C N S 117 
DT  "O3'"  O N N 118 
DT  "C2'"  C N N 119 
DT  "C1'"  C N R 120 
DT  N1     N N N 121 
DT  C2     C N N 122 
DT  O2     O N N 123 
DT  N3     N N N 124 
DT  C4     C N N 125 
DT  O4     O N N 126 
DT  C5     C N N 127 
DT  C7     C N N 128 
DT  C6     C N N 129 
DT  HOP3   H N N 130 
DT  HOP2   H N N 131 
DT  "H5'"  H N N 132 
DT  "H5''" H N N 133 
DT  "H4'"  H N N 134 
DT  "H3'"  H N N 135 
DT  "HO3'" H N N 136 
DT  "H2'"  H N N 137 
DT  "H2''" H N N 138 
DT  "H1'"  H N N 139 
DT  H3     H N N 140 
DT  H71    H N N 141 
DT  H72    H N N 142 
DT  H73    H N N 143 
DT  H6     H N N 144 
G   OP3    O N N 145 
G   P      P N N 146 
G   OP1    O N N 147 
G   OP2    O N N 148 
G   "O5'"  O N N 149 
G   "C5'"  C N N 150 
G   "C4'"  C N R 151 
G   "O4'"  O N N 152 
G   "C3'"  C N S 153 
G   "O3'"  O N N 154 
G   "C2'"  C N R 155 
G   "O2'"  O N N 156 
G   "C1'"  C N R 157 
G   N9     N Y N 158 
G   C8     C Y N 159 
G   N7     N Y N 160 
G   C5     C Y N 161 
G   C6     C N N 162 
G   O6     O N N 163 
G   N1     N N N 164 
G   C2     C N N 165 
G   N2     N N N 166 
G   N3     N N N 167 
G   C4     C Y N 168 
G   HOP3   H N N 169 
G   HOP2   H N N 170 
G   "H5'"  H N N 171 
G   "H5''" H N N 172 
G   "H4'"  H N N 173 
G   "H3'"  H N N 174 
G   "HO3'" H N N 175 
G   "H2'"  H N N 176 
G   "HO2'" H N N 177 
G   "H1'"  H N N 178 
G   H8     H N N 179 
G   H1     H N N 180 
G   H21    H N N 181 
G   H22    H N N 182 
HOH O      O N N 183 
HOH H1     H N N 184 
HOH H2     H N N 185 
SPM N1     N N N 186 
SPM C2     C N N 187 
SPM C3     C N N 188 
SPM C4     C N N 189 
SPM N5     N N N 190 
SPM C6     C N N 191 
SPM C7     C N N 192 
SPM C8     C N N 193 
SPM C9     C N N 194 
SPM N10    N N N 195 
SPM C11    C N N 196 
SPM C12    C N N 197 
SPM C13    C N N 198 
SPM N14    N N N 199 
SPM HN11   H N N 200 
SPM HN12   H N N 201 
SPM H21    H N N 202 
SPM H22    H N N 203 
SPM H31    H N N 204 
SPM H32    H N N 205 
SPM H41    H N N 206 
SPM H42    H N N 207 
SPM HN5    H N N 208 
SPM H61    H N N 209 
SPM H62    H N N 210 
SPM H71    H N N 211 
SPM H72    H N N 212 
SPM H81    H N N 213 
SPM H82    H N N 214 
SPM H91    H N N 215 
SPM H92    H N N 216 
SPM HN0    H N N 217 
SPM H111   H N N 218 
SPM H112   H N N 219 
SPM H121   H N N 220 
SPM H122   H N N 221 
SPM H131   H N N 222 
SPM H132   H N N 223 
SPM HN41   H N N 224 
SPM HN42   H N N 225 
# 
loop_
_chem_comp_bond.comp_id 
_chem_comp_bond.atom_id_1 
_chem_comp_bond.atom_id_2 
_chem_comp_bond.value_order 
_chem_comp_bond.pdbx_aromatic_flag 
_chem_comp_bond.pdbx_stereo_config 
_chem_comp_bond.pdbx_ordinal 
5CM N1    C2     sing N N 1   
5CM N1    C6     sing N N 2   
5CM N1    "C1'"  sing N N 3   
5CM C2    N3     sing N N 4   
5CM C2    O2     doub N N 5   
5CM N3    C4     doub N N 6   
5CM C4    C5     sing N N 7   
5CM C4    N4     sing N N 8   
5CM C5    C5A    sing N N 9   
5CM C5    C6     doub N N 10  
5CM C5A   H5A1   sing N N 11  
5CM C5A   H5A2   sing N N 12  
5CM C5A   H5A3   sing N N 13  
5CM C6    H6     sing N N 14  
5CM N4    HN41   sing N N 15  
5CM N4    HN42   sing N N 16  
5CM "C1'" "C2'"  sing N N 17  
5CM "C1'" "O4'"  sing N N 18  
5CM "C1'" "H1'"  sing N N 19  
5CM "C2'" "C3'"  sing N N 20  
5CM "C2'" "H2'"  sing N N 21  
5CM "C2'" "H2''" sing N N 22  
5CM "C3'" "C4'"  sing N N 23  
5CM "C3'" "O3'"  sing N N 24  
5CM "C3'" "H3'"  sing N N 25  
5CM "C4'" "O4'"  sing N N 26  
5CM "C4'" "C5'"  sing N N 27  
5CM "C4'" "H4'"  sing N N 28  
5CM "O3'" "HO3'" sing N N 29  
5CM "C5'" "O5'"  sing N N 30  
5CM "C5'" "H5'"  sing N N 31  
5CM "C5'" "H5''" sing N N 32  
5CM "O5'" P      sing N N 33  
5CM P     OP1    doub N N 34  
5CM P     OP2    sing N N 35  
5CM P     OP3    sing N N 36  
5CM OP2   HOP2   sing N N 37  
5CM OP3   HOP3   sing N N 38  
A   OP3   P      sing N N 39  
A   OP3   HOP3   sing N N 40  
A   P     OP1    doub N N 41  
A   P     OP2    sing N N 42  
A   P     "O5'"  sing N N 43  
A   OP2   HOP2   sing N N 44  
A   "O5'" "C5'"  sing N N 45  
A   "C5'" "C4'"  sing N N 46  
A   "C5'" "H5'"  sing N N 47  
A   "C5'" "H5''" sing N N 48  
A   "C4'" "O4'"  sing N N 49  
A   "C4'" "C3'"  sing N N 50  
A   "C4'" "H4'"  sing N N 51  
A   "O4'" "C1'"  sing N N 52  
A   "C3'" "O3'"  sing N N 53  
A   "C3'" "C2'"  sing N N 54  
A   "C3'" "H3'"  sing N N 55  
A   "O3'" "HO3'" sing N N 56  
A   "C2'" "O2'"  sing N N 57  
A   "C2'" "C1'"  sing N N 58  
A   "C2'" "H2'"  sing N N 59  
A   "O2'" "HO2'" sing N N 60  
A   "C1'" N9     sing N N 61  
A   "C1'" "H1'"  sing N N 62  
A   N9    C8     sing Y N 63  
A   N9    C4     sing Y N 64  
A   C8    N7     doub Y N 65  
A   C8    H8     sing N N 66  
A   N7    C5     sing Y N 67  
A   C5    C6     sing Y N 68  
A   C5    C4     doub Y N 69  
A   C6    N6     sing N N 70  
A   C6    N1     doub Y N 71  
A   N6    H61    sing N N 72  
A   N6    H62    sing N N 73  
A   N1    C2     sing Y N 74  
A   C2    N3     doub Y N 75  
A   C2    H2     sing N N 76  
A   N3    C4     sing Y N 77  
DC  OP3   P      sing N N 78  
DC  OP3   HOP3   sing N N 79  
DC  P     OP1    doub N N 80  
DC  P     OP2    sing N N 81  
DC  P     "O5'"  sing N N 82  
DC  OP2   HOP2   sing N N 83  
DC  "O5'" "C5'"  sing N N 84  
DC  "C5'" "C4'"  sing N N 85  
DC  "C5'" "H5'"  sing N N 86  
DC  "C5'" "H5''" sing N N 87  
DC  "C4'" "O4'"  sing N N 88  
DC  "C4'" "C3'"  sing N N 89  
DC  "C4'" "H4'"  sing N N 90  
DC  "O4'" "C1'"  sing N N 91  
DC  "C3'" "O3'"  sing N N 92  
DC  "C3'" "C2'"  sing N N 93  
DC  "C3'" "H3'"  sing N N 94  
DC  "O3'" "HO3'" sing N N 95  
DC  "C2'" "C1'"  sing N N 96  
DC  "C2'" "H2'"  sing N N 97  
DC  "C2'" "H2''" sing N N 98  
DC  "C1'" N1     sing N N 99  
DC  "C1'" "H1'"  sing N N 100 
DC  N1    C2     sing N N 101 
DC  N1    C6     sing N N 102 
DC  C2    O2     doub N N 103 
DC  C2    N3     sing N N 104 
DC  N3    C4     doub N N 105 
DC  C4    N4     sing N N 106 
DC  C4    C5     sing N N 107 
DC  N4    H41    sing N N 108 
DC  N4    H42    sing N N 109 
DC  C5    C6     doub N N 110 
DC  C5    H5     sing N N 111 
DC  C6    H6     sing N N 112 
DT  OP3   P      sing N N 113 
DT  OP3   HOP3   sing N N 114 
DT  P     OP1    doub N N 115 
DT  P     OP2    sing N N 116 
DT  P     "O5'"  sing N N 117 
DT  OP2   HOP2   sing N N 118 
DT  "O5'" "C5'"  sing N N 119 
DT  "C5'" "C4'"  sing N N 120 
DT  "C5'" "H5'"  sing N N 121 
DT  "C5'" "H5''" sing N N 122 
DT  "C4'" "O4'"  sing N N 123 
DT  "C4'" "C3'"  sing N N 124 
DT  "C4'" "H4'"  sing N N 125 
DT  "O4'" "C1'"  sing N N 126 
DT  "C3'" "O3'"  sing N N 127 
DT  "C3'" "C2'"  sing N N 128 
DT  "C3'" "H3'"  sing N N 129 
DT  "O3'" "HO3'" sing N N 130 
DT  "C2'" "C1'"  sing N N 131 
DT  "C2'" "H2'"  sing N N 132 
DT  "C2'" "H2''" sing N N 133 
DT  "C1'" N1     sing N N 134 
DT  "C1'" "H1'"  sing N N 135 
DT  N1    C2     sing N N 136 
DT  N1    C6     sing N N 137 
DT  C2    O2     doub N N 138 
DT  C2    N3     sing N N 139 
DT  N3    C4     sing N N 140 
DT  N3    H3     sing N N 141 
DT  C4    O4     doub N N 142 
DT  C4    C5     sing N N 143 
DT  C5    C7     sing N N 144 
DT  C5    C6     doub N N 145 
DT  C7    H71    sing N N 146 
DT  C7    H72    sing N N 147 
DT  C7    H73    sing N N 148 
DT  C6    H6     sing N N 149 
G   OP3   P      sing N N 150 
G   OP3   HOP3   sing N N 151 
G   P     OP1    doub N N 152 
G   P     OP2    sing N N 153 
G   P     "O5'"  sing N N 154 
G   OP2   HOP2   sing N N 155 
G   "O5'" "C5'"  sing N N 156 
G   "C5'" "C4'"  sing N N 157 
G   "C5'" "H5'"  sing N N 158 
G   "C5'" "H5''" sing N N 159 
G   "C4'" "O4'"  sing N N 160 
G   "C4'" "C3'"  sing N N 161 
G   "C4'" "H4'"  sing N N 162 
G   "O4'" "C1'"  sing N N 163 
G   "C3'" "O3'"  sing N N 164 
G   "C3'" "C2'"  sing N N 165 
G   "C3'" "H3'"  sing N N 166 
G   "O3'" "HO3'" sing N N 167 
G   "C2'" "O2'"  sing N N 168 
G   "C2'" "C1'"  sing N N 169 
G   "C2'" "H2'"  sing N N 170 
G   "O2'" "HO2'" sing N N 171 
G   "C1'" N9     sing N N 172 
G   "C1'" "H1'"  sing N N 173 
G   N9    C8     sing Y N 174 
G   N9    C4     sing Y N 175 
G   C8    N7     doub Y N 176 
G   C8    H8     sing N N 177 
G   N7    C5     sing Y N 178 
G   C5    C6     sing N N 179 
G   C5    C4     doub Y N 180 
G   C6    O6     doub N N 181 
G   C6    N1     sing N N 182 
G   N1    C2     sing N N 183 
G   N1    H1     sing N N 184 
G   C2    N2     sing N N 185 
G   C2    N3     doub N N 186 
G   N2    H21    sing N N 187 
G   N2    H22    sing N N 188 
G   N3    C4     sing N N 189 
HOH O     H1     sing N N 190 
HOH O     H2     sing N N 191 
SPM N1    C2     sing N N 192 
SPM N1    HN11   sing N N 193 
SPM N1    HN12   sing N N 194 
SPM C2    C3     sing N N 195 
SPM C2    H21    sing N N 196 
SPM C2    H22    sing N N 197 
SPM C3    C4     sing N N 198 
SPM C3    H31    sing N N 199 
SPM C3    H32    sing N N 200 
SPM C4    N5     sing N N 201 
SPM C4    H41    sing N N 202 
SPM C4    H42    sing N N 203 
SPM N5    C6     sing N N 204 
SPM N5    HN5    sing N N 205 
SPM C6    C7     sing N N 206 
SPM C6    H61    sing N N 207 
SPM C6    H62    sing N N 208 
SPM C7    C8     sing N N 209 
SPM C7    H71    sing N N 210 
SPM C7    H72    sing N N 211 
SPM C8    C9     sing N N 212 
SPM C8    H81    sing N N 213 
SPM C8    H82    sing N N 214 
SPM C9    N10    sing N N 215 
SPM C9    H91    sing N N 216 
SPM C9    H92    sing N N 217 
SPM N10   C11    sing N N 218 
SPM N10   HN0    sing N N 219 
SPM C11   C12    sing N N 220 
SPM C11   H111   sing N N 221 
SPM C11   H112   sing N N 222 
SPM C12   C13    sing N N 223 
SPM C12   H121   sing N N 224 
SPM C12   H122   sing N N 225 
SPM C13   N14    sing N N 226 
SPM C13   H131   sing N N 227 
SPM C13   H132   sing N N 228 
SPM N14   HN41   sing N N 229 
SPM N14   HN42   sing N N 230 
# 
_ndb_struct_conf_na.entry_id   9K8Z 
_ndb_struct_conf_na.feature    'a-form double helix' 
# 
loop_
_ndb_struct_na_base_pair.model_number 
_ndb_struct_na_base_pair.i_label_asym_id 
_ndb_struct_na_base_pair.i_label_comp_id 
_ndb_struct_na_base_pair.i_label_seq_id 
_ndb_struct_na_base_pair.i_symmetry 
_ndb_struct_na_base_pair.j_label_asym_id 
_ndb_struct_na_base_pair.j_label_comp_id 
_ndb_struct_na_base_pair.j_label_seq_id 
_ndb_struct_na_base_pair.j_symmetry 
_ndb_struct_na_base_pair.shear 
_ndb_struct_na_base_pair.stretch 
_ndb_struct_na_base_pair.stagger 
_ndb_struct_na_base_pair.buckle 
_ndb_struct_na_base_pair.propeller 
_ndb_struct_na_base_pair.opening 
_ndb_struct_na_base_pair.pair_number 
_ndb_struct_na_base_pair.pair_name 
_ndb_struct_na_base_pair.i_auth_asym_id 
_ndb_struct_na_base_pair.i_auth_seq_id 
_ndb_struct_na_base_pair.i_PDB_ins_code 
_ndb_struct_na_base_pair.j_auth_asym_id 
_ndb_struct_na_base_pair.j_auth_seq_id 
_ndb_struct_na_base_pair.j_PDB_ins_code 
_ndb_struct_na_base_pair.hbond_type_28 
_ndb_struct_na_base_pair.hbond_type_12 
1 A G 1 1_555 B 5CM 9 1_555 -0.323 -0.087 -0.089 -6.674  -12.638 0.242  1 A_G1:5CM9_B A 1 ? B 9 ? 19 1 
1 A A 2 1_555 B DT  8 1_555 0.076  -0.099 -0.035 -4.642  -17.122 3.083  2 A_A2:DT8_B  A 2 ? B 8 ? 20 1 
1 A A 3 1_555 B DT  7 1_555 -0.016 -0.109 0.003  -6.553  -20.524 7.880  3 A_A3:DT7_B  A 3 ? B 7 ? 20 1 
1 A G 4 1_555 B DC  6 1_555 -0.247 -0.177 -0.257 -13.269 -11.273 -1.941 4 A_G4:DC6_B  A 4 ? B 6 ? 19 1 
1 A A 5 1_555 B DT  5 1_555 0.182  -0.019 -0.364 -13.976 -7.224  -4.966 5 A_A5:DT5_B  A 5 ? B 5 ? 20 1 
1 A A 6 1_555 B DT  4 1_555 0.037  -0.256 0.085  -1.326  -6.967  2.319  6 A_A6:DT4_B  A 6 ? B 4 ? 20 1 
1 A G 7 1_555 B DC  3 1_555 -0.084 0.048  0.034  -2.287  -12.279 3.165  7 A_G7:DC3_B  A 7 ? B 3 ? 19 1 
1 A A 8 1_555 B DT  2 1_555 0.004  -0.151 -0.103 0.167   -3.721  -0.875 8 A_A8:DT2_B  A 8 ? B 2 ? 20 1 
1 A G 9 1_555 B 5CM 1 1_555 -0.166 -0.091 0.089  9.140   0.209   -0.668 9 A_G9:5CM1_B A 9 ? B 1 ? 19 1 
# 
loop_
_ndb_struct_na_base_pair_step.model_number 
_ndb_struct_na_base_pair_step.i_label_asym_id_1 
_ndb_struct_na_base_pair_step.i_label_comp_id_1 
_ndb_struct_na_base_pair_step.i_label_seq_id_1 
_ndb_struct_na_base_pair_step.i_symmetry_1 
_ndb_struct_na_base_pair_step.j_label_asym_id_1 
_ndb_struct_na_base_pair_step.j_label_comp_id_1 
_ndb_struct_na_base_pair_step.j_label_seq_id_1 
_ndb_struct_na_base_pair_step.j_symmetry_1 
_ndb_struct_na_base_pair_step.i_label_asym_id_2 
_ndb_struct_na_base_pair_step.i_label_comp_id_2 
_ndb_struct_na_base_pair_step.i_label_seq_id_2 
_ndb_struct_na_base_pair_step.i_symmetry_2 
_ndb_struct_na_base_pair_step.j_label_asym_id_2 
_ndb_struct_na_base_pair_step.j_label_comp_id_2 
_ndb_struct_na_base_pair_step.j_label_seq_id_2 
_ndb_struct_na_base_pair_step.j_symmetry_2 
_ndb_struct_na_base_pair_step.shift 
_ndb_struct_na_base_pair_step.slide 
_ndb_struct_na_base_pair_step.rise 
_ndb_struct_na_base_pair_step.tilt 
_ndb_struct_na_base_pair_step.roll 
_ndb_struct_na_base_pair_step.twist 
_ndb_struct_na_base_pair_step.x_displacement 
_ndb_struct_na_base_pair_step.y_displacement 
_ndb_struct_na_base_pair_step.helical_rise 
_ndb_struct_na_base_pair_step.inclination 
_ndb_struct_na_base_pair_step.tip 
_ndb_struct_na_base_pair_step.helical_twist 
_ndb_struct_na_base_pair_step.step_number 
_ndb_struct_na_base_pair_step.step_name 
_ndb_struct_na_base_pair_step.i_auth_asym_id_1 
_ndb_struct_na_base_pair_step.i_auth_seq_id_1 
_ndb_struct_na_base_pair_step.i_PDB_ins_code_1 
_ndb_struct_na_base_pair_step.j_auth_asym_id_1 
_ndb_struct_na_base_pair_step.j_auth_seq_id_1 
_ndb_struct_na_base_pair_step.j_PDB_ins_code_1 
_ndb_struct_na_base_pair_step.i_auth_asym_id_2 
_ndb_struct_na_base_pair_step.i_auth_seq_id_2 
_ndb_struct_na_base_pair_step.i_PDB_ins_code_2 
_ndb_struct_na_base_pair_step.j_auth_asym_id_2 
_ndb_struct_na_base_pair_step.j_auth_seq_id_2 
_ndb_struct_na_base_pair_step.j_PDB_ins_code_2 
1 A G 1 1_555 B 5CM 9 1_555 A A 2 1_555 B DT  8 1_555 0.462  -1.192 3.261 1.290  1.819  36.202 -2.166 -0.563 3.213 2.924  -2.073 
36.268 1 AA_G1A2:DT85CM9_BB A 1 ? B 9 ? A 2 ? B 8 ? 
1 A A 2 1_555 B DT  8 1_555 A A 3 1_555 B DT  7 1_555 0.394  -1.131 3.317 0.762  3.908  32.752 -2.653 -0.565 3.173 6.898  -1.345 
32.987 2 AA_A2A3:DT7DT8_BB  A 2 ? B 8 ? A 3 ? B 7 ? 
1 A A 3 1_555 B DT  7 1_555 A G 4 1_555 B DC  6 1_555 -1.321 -1.239 3.360 -2.897 12.448 35.699 -3.484 1.670  2.879 19.549 4.549  
37.847 3 AA_A3G4:DC6DT7_BB  A 3 ? B 7 ? A 4 ? B 6 ? 
1 A G 4 1_555 B DC  6 1_555 A A 5 1_555 B DT  5 1_555 0.834  -1.765 3.399 4.484  13.660 30.196 -5.222 -0.747 2.488 24.548 -8.058 
33.371 4 AA_G4A5:DT5DC6_BB  A 4 ? B 6 ? A 5 ? B 5 ? 
1 A A 5 1_555 B DT  5 1_555 A A 6 1_555 B DT  4 1_555 0.747  -1.642 3.069 -1.094 1.529  24.958 -4.207 -2.023 2.930 3.533  2.528  
25.027 5 AA_A5A6:DT4DT5_BB  A 5 ? B 5 ? A 6 ? B 4 ? 
1 A A 6 1_555 B DT  4 1_555 A G 7 1_555 B DC  3 1_555 0.290  -1.511 3.359 0.414  3.435  31.988 -3.343 -0.449 3.187 6.211  -0.748 
32.170 6 AA_A6G7:DC3DT4_BB  A 6 ? B 4 ? A 7 ? B 3 ? 
1 A G 7 1_555 B DC  3 1_555 A A 8 1_555 B DT  2 1_555 -1.095 -1.394 3.194 -0.126 8.748  35.174 -3.383 1.745  2.783 14.205 0.205  
36.212 7 AA_G7A8:DT2DC3_BB  A 7 ? B 3 ? A 8 ? B 2 ? 
1 A A 8 1_555 B DT  2 1_555 A G 9 1_555 B 5CM 1 1_555 0.683  -1.906 3.078 -0.445 0.665  26.958 -4.246 -1.571 3.020 1.426  0.953  
26.970 8 AA_A8G9:5CM1DT2_BB A 8 ? B 2 ? A 9 ? B 1 ? 
# 
_pdbx_audit_support.funding_organization   'Japan Agency for Medical Research and Development (AMED)' 
_pdbx_audit_support.country                Japan 
_pdbx_audit_support.grant_number           JP23ama121014 
_pdbx_audit_support.ordinal                1 
# 
_pdbx_initial_refinement_model.accession_code   4U6M 
_pdbx_initial_refinement_model.details          ? 
_pdbx_initial_refinement_model.entity_id_list   ? 
_pdbx_initial_refinement_model.id               1 
_pdbx_initial_refinement_model.source_name      PDB 
_pdbx_initial_refinement_model.type             'experimental model' 
# 
_atom_sites.entry_id                    9K8Z 
_atom_sites.Cartn_transf_matrix[1][1]   ? 
_atom_sites.Cartn_transf_matrix[1][2]   ? 
_atom_sites.Cartn_transf_matrix[1][3]   ? 
_atom_sites.Cartn_transf_matrix[2][1]   ? 
_atom_sites.Cartn_transf_matrix[2][2]   ? 
_atom_sites.Cartn_transf_matrix[2][3]   ? 
_atom_sites.Cartn_transf_matrix[3][1]   ? 
_atom_sites.Cartn_transf_matrix[3][2]   ? 
_atom_sites.Cartn_transf_matrix[3][3]   ? 
_atom_sites.Cartn_transf_vector[1]      ? 
_atom_sites.Cartn_transf_vector[2]      ? 
_atom_sites.Cartn_transf_vector[3]      ? 
_atom_sites.Cartn_transform_axes        ? 
_atom_sites.fract_transf_matrix[1][1]   0.00457891 
_atom_sites.fract_transf_matrix[1][2]   -0.01018666 
_atom_sites.fract_transf_matrix[1][3]   -0.02093925 
_atom_sites.fract_transf_matrix[2][1]   0.02012357 
_atom_sites.fract_transf_matrix[2][2]   0.00506812 
_atom_sites.fract_transf_matrix[2][3]   -0.01151364 
_atom_sites.fract_transf_matrix[3][1]   0.01001475 
_atom_sites.fract_transf_matrix[3][2]   -0.01652564 
_atom_sites.fract_transf_matrix[3][3]   0.01022948 
_atom_sites.fract_transf_vector[1]      -0.458552 
_atom_sites.fract_transf_vector[2]      -0.422084 
_atom_sites.fract_transf_vector[3]      0.003554 
_atom_sites.solution_primary            ? 
_atom_sites.solution_secondary          ? 
_atom_sites.solution_hydrogens          ? 
_atom_sites.special_details             ? 
# 
loop_
_atom_type.symbol 
C 
N 
O 
P 
# 
loop_
_atom_site.group_PDB 
_atom_site.id 
_atom_site.type_symbol 
_atom_site.label_atom_id 
_atom_site.label_alt_id 
_atom_site.label_comp_id 
_atom_site.label_asym_id 
_atom_site.label_entity_id 
_atom_site.label_seq_id 
_atom_site.pdbx_PDB_ins_code 
_atom_site.Cartn_x 
_atom_site.Cartn_y 
_atom_site.Cartn_z 
_atom_site.occupancy 
_atom_site.B_iso_or_equiv 
_atom_site.pdbx_formal_charge 
_atom_site.auth_seq_id 
_atom_site.auth_comp_id 
_atom_site.auth_asym_id 
_atom_site.auth_atom_id 
_atom_site.pdbx_PDB_model_num 
ATOM   1   O "O5'" . G   A 1 1 ? 11.898  1.784   0.473   1.00 28.61 ? 1   G   A "O5'" 1 
ATOM   2   C "C5'" . G   A 1 1 ? 12.808  2.431   1.346   1.00 27.40 ? 1   G   A "C5'" 1 
ATOM   3   C "C4'" . G   A 1 1 ? 12.492  3.897   1.468   1.00 25.85 ? 1   G   A "C4'" 1 
ATOM   4   O "O4'" . G   A 1 1 ? 12.644  4.545   0.178   1.00 24.80 ? 1   G   A "O4'" 1 
ATOM   5   C "C3'" . G   A 1 1 ? 11.072  4.240   1.879   1.00 24.91 ? 1   G   A "C3'" 1 
ATOM   6   O "O3'" . G   A 1 1 ? 10.856  4.115   3.271   1.00 26.43 ? 1   G   A "O3'" 1 
ATOM   7   C "C2'" . G   A 1 1 ? 10.919  5.667   1.366   1.00 22.95 ? 1   G   A "C2'" 1 
ATOM   8   O "O2'" . G   A 1 1 ? 11.560  6.590   2.236   1.00 24.23 ? 1   G   A "O2'" 1 
ATOM   9   C "C1'" . G   A 1 1 ? 11.716  5.604   0.064   1.00 23.74 ? 1   G   A "C1'" 1 
ATOM   10  N N9    . G   A 1 1 ? 10.852  5.357   -1.102  1.00 22.52 ? 1   G   A N9    1 
ATOM   11  C C8    . G   A 1 1 ? 10.791  4.226   -1.875  1.00 20.98 ? 1   G   A C8    1 
ATOM   12  N N7    . G   A 1 1 ? 9.926   4.314   -2.851  1.00 22.57 ? 1   G   A N7    1 
ATOM   13  C C5    . G   A 1 1 ? 9.388   5.592   -2.715  1.00 20.60 ? 1   G   A C5    1 
ATOM   14  C C6    . G   A 1 1 ? 8.398   6.266   -3.482  1.00 20.32 ? 1   G   A C6    1 
ATOM   15  O O6    . G   A 1 1 ? 7.777   5.871   -4.476  1.00 19.90 ? 1   G   A O6    1 
ATOM   16  N N1    . G   A 1 1 ? 8.160   7.547   -2.980  1.00 18.63 ? 1   G   A N1    1 
ATOM   17  C C2    . G   A 1 1 ? 8.781   8.109   -1.889  1.00 17.77 ? 1   G   A C2    1 
ATOM   18  N N2    . G   A 1 1 ? 8.417   9.355   -1.560  1.00 19.84 ? 1   G   A N2    1 
ATOM   19  N N3    . G   A 1 1 ? 9.699   7.491   -1.165  1.00 20.22 ? 1   G   A N3    1 
ATOM   20  C C4    . G   A 1 1 ? 9.951   6.247   -1.639  1.00 20.65 ? 1   G   A C4    1 
ATOM   21  P P     . A   A 1 2 ? 9.449   3.592   3.833   1.00 26.29 ? 2   A   A P     1 
ATOM   22  O OP1   . A   A 1 2 ? 9.609   3.394   5.299   1.00 30.32 ? 2   A   A OP1   1 
ATOM   23  O OP2   . A   A 1 2 ? 8.963   2.484   2.984   1.00 25.98 ? 2   A   A OP2   1 
ATOM   24  O "O5'" . A   A 1 2 ? 8.465   4.822   3.612   1.00 23.10 ? 2   A   A "O5'" 1 
ATOM   25  C "C5'" . A   A 1 2 ? 8.664   6.027   4.325   1.00 22.24 ? 2   A   A "C5'" 1 
ATOM   26  C "C4'" . A   A 1 2 ? 7.898   7.157   3.698   1.00 22.17 ? 2   A   A "C4'" 1 
ATOM   27  O "O4'" . A   A 1 2 ? 8.236   7.252   2.292   1.00 21.88 ? 2   A   A "O4'" 1 
ATOM   28  C "C3'" . A   A 1 2 ? 6.387   7.021   3.689   1.00 18.17 ? 2   A   A "C3'" 1 
ATOM   29  O "O3'" . A   A 1 2 ? 5.803   7.344   4.934   1.00 21.75 ? 2   A   A "O3'" 1 
ATOM   30  C "C2'" . A   A 1 2 ? 6.000   7.980   2.580   1.00 19.73 ? 2   A   A "C2'" 1 
ATOM   31  O "O2'" . A   A 1 2 ? 6.145   9.319   3.033   1.00 21.15 ? 2   A   A "O2'" 1 
ATOM   32  C "C1'" . A   A 1 2 ? 7.116   7.720   1.571   1.00 19.27 ? 2   A   A "C1'" 1 
ATOM   33  N N9    . A   A 1 2 ? 6.756   6.704   0.565   1.00 18.12 ? 2   A   A N9    1 
ATOM   34  C C8    . A   A 1 2 ? 7.173   5.399   0.478   1.00 20.11 ? 2   A   A C8    1 
ATOM   35  N N7    . A   A 1 2 ? 6.697   4.751   -0.553  1.00 18.67 ? 2   A   A N7    1 
ATOM   36  C C5    . A   A 1 2 ? 5.909   5.699   -1.201  1.00 17.67 ? 2   A   A C5    1 
ATOM   37  C C6    . A   A 1 2 ? 5.130   5.640   -2.364  1.00 17.03 ? 2   A   A C6    1 
ATOM   38  N N6    . A   A 1 2 ? 5.009   4.553   -3.122  1.00 18.51 ? 2   A   A N6    1 
ATOM   39  N N1    . A   A 1 2 ? 4.471   6.762   -2.735  1.00 14.69 ? 2   A   A N1    1 
ATOM   40  C C2    . A   A 1 2 ? 4.600   7.851   -1.980  1.00 16.90 ? 2   A   A C2    1 
ATOM   41  N N3    . A   A 1 2 ? 5.307   8.027   -0.869  1.00 16.44 ? 2   A   A N3    1 
ATOM   42  C C4    . A   A 1 2 ? 5.946   6.899   -0.527  1.00 18.58 ? 2   A   A C4    1 
ATOM   43  P P     . A   A 1 3 ? 4.424   6.661   5.389   1.00 21.45 ? 3   A   A P     1 
ATOM   44  O OP1   . A   A 1 3 ? 4.181   7.106   6.787   1.00 24.27 ? 3   A   A OP1   1 
ATOM   45  O OP2   . A   A 1 3 ? 4.447   5.224   5.024   1.00 23.47 ? 3   A   A OP2   1 
ATOM   46  O "O5'" . A   A 1 3 ? 3.321   7.344   4.462   1.00 19.98 ? 3   A   A "O5'" 1 
ATOM   47  C "C5'" . A   A 1 3 ? 3.055   8.737   4.531   1.00 20.99 ? 3   A   A "C5'" 1 
ATOM   48  C "C4'" . A   A 1 3 ? 2.242   9.194   3.344   1.00 18.82 ? 3   A   A "C4'" 1 
ATOM   49  O "O4'" . A   A 1 3 ? 2.942   8.878   2.116   1.00 19.81 ? 3   A   A "O4'" 1 
ATOM   50  C "C3'" . A   A 1 3 ? 0.884   8.534   3.170   1.00 19.44 ? 3   A   A "C3'" 1 
ATOM   51  O "O3'" . A   A 1 3 ? -0.115  9.109   3.985   1.00 20.25 ? 3   A   A "O3'" 1 
ATOM   52  C "C2'" . A   A 1 3 ? 0.611   8.723   1.688   1.00 18.51 ? 3   A   A "C2'" 1 
ATOM   53  O "O2'" . A   A 1 3 ? 0.169   10.050  1.427   1.00 19.69 ? 3   A   A "O2'" 1 
ATOM   54  C "C1'" . A   A 1 3 ? 2.010   8.556   1.103   1.00 17.48 ? 3   A   A "C1'" 1 
ATOM   55  N N9    . A   A 1 3 ? 2.260   7.173   0.667   1.00 15.93 ? 3   A   A N9    1 
ATOM   56  C C8    . A   A 1 3 ? 2.966   6.182   1.296   1.00 17.98 ? 3   A   A C8    1 
ATOM   57  N N7    . A   A 1 3 ? 2.991   5.054   0.630   1.00 16.91 ? 3   A   A N7    1 
ATOM   58  C C5    . A   A 1 3 ? 2.257   5.317   -0.524  1.00 16.87 ? 3   A   A C5    1 
ATOM   59  C C6    . A   A 1 3 ? 1.916   4.538   -1.652  1.00 15.95 ? 3   A   A C6    1 
ATOM   60  N N6    . A   A 1 3 ? 2.276   3.259   -1.850  1.00 16.73 ? 3   A   A N6    1 
ATOM   61  N N1    . A   A 1 3 ? 1.168   5.128   -2.606  1.00 15.07 ? 3   A   A N1    1 
ATOM   62  C C2    . A   A 1 3 ? 0.788   6.399   -2.446  1.00 16.70 ? 3   A   A C2    1 
ATOM   63  N N3    . A   A 1 3 ? 1.050   7.228   -1.442  1.00 15.35 ? 3   A   A N3    1 
ATOM   64  C C4    . A   A 1 3 ? 1.799   6.621   -0.503  1.00 15.96 ? 3   A   A C4    1 
ATOM   65  P P     . G   A 1 4 ? -1.482  8.316   4.249   1.00 22.47 ? 4   G   A P     1 
ATOM   66  O OP1   . G   A 1 4 ? -2.188  9.030   5.348   1.00 26.42 ? 4   G   A OP1   1 
ATOM   67  O OP2   . G   A 1 4 ? -1.189  6.870   4.410   1.00 22.84 ? 4   G   A OP2   1 
ATOM   68  O "O5'" . G   A 1 4 ? -2.306  8.449   2.889   1.00 21.51 ? 4   G   A "O5'" 1 
ATOM   69  C "C5'" . G   A 1 4 ? -3.067  9.605   2.574   1.00 24.57 ? 4   G   A "C5'" 1 
ATOM   70  C "C4'" . G   A 1 4 ? -3.986  9.350   1.403   1.00 22.99 ? 4   G   A "C4'" 1 
ATOM   71  O "O4'" . G   A 1 4 ? -3.199  9.055   0.212   1.00 19.46 ? 4   G   A "O4'" 1 
ATOM   72  C "C3'" . G   A 1 4 ? -4.909  8.149   1.528   1.00 21.74 ? 4   G   A "C3'" 1 
ATOM   73  O "O3'" . G   A 1 4 ? -6.057  8.385   2.324   1.00 26.27 ? 4   G   A "O3'" 1 
ATOM   74  C "C2'" . G   A 1 4 ? -5.223  7.829   0.076   1.00 21.05 ? 4   G   A "C2'" 1 
ATOM   75  O "O2'" . G   A 1 4 ? -6.146  8.777   -0.446  1.00 23.13 ? 4   G   A "O2'" 1 
ATOM   76  C "C1'" . G   A 1 4 ? -3.860  8.078   -0.568  1.00 19.84 ? 4   G   A "C1'" 1 
ATOM   77  N N9    . G   A 1 4 ? -3.022  6.864   -0.554  1.00 16.98 ? 4   G   A N9    1 
ATOM   78  C C8    . G   A 1 4 ? -2.060  6.578   0.383   1.00 17.49 ? 4   G   A C8    1 
ATOM   79  N N7    . G   A 1 4 ? -1.466  5.440   0.176   1.00 16.99 ? 4   G   A N7    1 
ATOM   80  C C5    . G   A 1 4 ? -2.074  4.933   -0.966  1.00 16.85 ? 4   G   A C5    1 
ATOM   81  C C6    . G   A 1 4 ? -1.830  3.722   -1.667  1.00 15.39 ? 4   G   A C6    1 
ATOM   82  O O6    . G   A 1 4 ? -1.002  2.846   -1.386  1.00 15.70 ? 4   G   A O6    1 
ATOM   83  N N1    . G   A 1 4 ? -2.660  3.573   -2.775  1.00 14.34 ? 4   G   A N1    1 
ATOM   84  C C2    . G   A 1 4 ? -3.605  4.494   -3.162  1.00 16.04 ? 4   G   A C2    1 
ATOM   85  N N2    . G   A 1 4 ? -4.312  4.173   -4.265  1.00 17.03 ? 4   G   A N2    1 
ATOM   86  N N3    . G   A 1 4 ? -3.835  5.635   -2.523  1.00 16.84 ? 4   G   A N3    1 
ATOM   87  C C4    . G   A 1 4 ? -3.038  5.796   -1.435  1.00 16.06 ? 4   G   A C4    1 
ATOM   88  P P     . A   A 1 5 ? -6.651  7.198   3.235   1.00 29.67 ? 5   A   A P     1 
ATOM   89  O OP1   . A   A 1 5 ? -7.972  7.685   3.725   1.00 32.03 ? 5   A   A OP1   1 
ATOM   90  O OP2   . A   A 1 5 ? -5.603  6.764   4.192   1.00 30.54 ? 5   A   A OP2   1 
ATOM   91  O "O5'" . A   A 1 5 ? -6.866  5.979   2.221   1.00 29.55 ? 5   A   A "O5'" 1 
ATOM   92  C "C5'" . A   A 1 5 ? -8.132  5.750   1.623   1.00 29.83 ? 5   A   A "C5'" 1 
ATOM   93  C "C4'" . A   A 1 5 ? -8.144  4.608   0.627   1.00 26.83 ? 5   A   A "C4'" 1 
ATOM   94  O "O4'" . A   A 1 5 ? -6.959  4.605   -0.223  1.00 23.09 ? 5   A   A "O4'" 1 
ATOM   95  C "C3'" . A   A 1 5 ? -8.178  3.180   1.145   1.00 27.51 ? 5   A   A "C3'" 1 
ATOM   96  O "O3'" . A   A 1 5 ? -9.396  2.787   1.763   1.00 28.80 ? 5   A   A "O3'" 1 
ATOM   97  C "C2'" . A   A 1 5 ? -7.864  2.410   -0.130  1.00 22.06 ? 5   A   A "C2'" 1 
ATOM   98  O "O2'" . A   A 1 5 ? -8.983  2.438   -1.005  1.00 23.68 ? 5   A   A "O2'" 1 
ATOM   99  C "C1'" . A   A 1 5 ? -6.760  3.292   -0.727  1.00 22.81 ? 5   A   A "C1'" 1 
ATOM   100 N N9    . A   A 1 5 ? -5.452  2.780   -0.289  1.00 19.67 ? 5   A   A N9    1 
ATOM   101 C C8    . A   A 1 5 ? -4.662  3.203   0.753   1.00 20.18 ? 5   A   A C8    1 
ATOM   102 N N7    . A   A 1 5 ? -3.580  2.472   0.905   1.00 18.89 ? 5   A   A N7    1 
ATOM   103 C C5    . A   A 1 5 ? -3.680  1.488   -0.072  1.00 18.29 ? 5   A   A C5    1 
ATOM   104 C C6    . A   A 1 5 ? -2.842  0.408   -0.423  1.00 18.98 ? 5   A   A C6    1 
ATOM   105 N N6    . A   A 1 5 ? -1.696  0.113   0.198   1.00 18.97 ? 5   A   A N6    1 
ATOM   106 N N1    . A   A 1 5 ? -3.226  -0.380  -1.450  1.00 17.60 ? 5   A   A N1    1 
ATOM   107 C C2    . A   A 1 5 ? -4.382  -0.097  -2.074  1.00 18.98 ? 5   A   A C2    1 
ATOM   108 N N3    . A   A 1 5 ? -5.244  0.886   -1.835  1.00 18.75 ? 5   A   A N3    1 
ATOM   109 C C4    . A   A 1 5 ? -4.834  1.656   -0.806  1.00 19.85 ? 5   A   A C4    1 
ATOM   110 P P     . A   A 1 6 ? -9.395  1.620   2.882   1.00 32.69 ? 6   A   A P     1 
ATOM   111 O OP1   . A   A 1 6 ? -10.728 1.610   3.535   1.00 37.29 ? 6   A   A OP1   1 
ATOM   112 O OP2   . A   A 1 6 ? -8.166  1.739   3.704   1.00 33.29 ? 6   A   A OP2   1 
ATOM   113 O "O5'" . A   A 1 6 ? -9.242  0.268   2.059   1.00 32.73 ? 6   A   A "O5'" 1 
ATOM   114 C "C5'" . A   A 1 6 ? -10.155 -0.067  1.031   1.00 29.96 ? 6   A   A "C5'" 1 
ATOM   115 C "C4'" . A   A 1 6 ? -9.587  -1.121  0.119   1.00 29.76 ? 6   A   A "C4'" 1 
ATOM   116 O "O4'" . A   A 1 6 ? -8.276  -0.723  -0.357  1.00 27.07 ? 6   A   A "O4'" 1 
ATOM   117 C "C3'" . A   A 1 6 ? -9.342  -2.482  0.741   1.00 28.49 ? 6   A   A "C3'" 1 
ATOM   118 O "O3'" . A   A 1 6 ? -10.534 -3.235  0.875   1.00 29.25 ? 6   A   A "O3'" 1 
ATOM   119 C "C2'" . A   A 1 6 ? -8.321  -3.088  -0.212  1.00 27.33 ? 6   A   A "C2'" 1 
ATOM   120 O "O2'" . A   A 1 6 ? -8.943  -3.528  -1.412  1.00 28.98 ? 6   A   A "O2'" 1 
ATOM   121 C "C1'" . A   A 1 6 ? -7.467  -1.865  -0.543  1.00 26.74 ? 6   A   A "C1'" 1 
ATOM   122 N N9    . A   A 1 6 ? -6.292  -1.775  0.342   1.00 24.70 ? 6   A   A N9    1 
ATOM   123 C C8    . A   A 1 6 ? -6.055  -0.953  1.419   1.00 23.21 ? 6   A   A C8    1 
ATOM   124 N N7    . A   A 1 6 ? -4.890  -1.162  1.992   1.00 23.16 ? 6   A   A N7    1 
ATOM   125 C C5    . A   A 1 6 ? -4.329  -2.189  1.249   1.00 20.41 ? 6   A   A C5    1 
ATOM   126 C C6    . A   A 1 6 ? -3.106  -2.875  1.337   1.00 19.72 ? 6   A   A C6    1 
ATOM   127 N N6    . A   A 1 6 ? -2.169  -2.624  2.251   1.00 19.76 ? 6   A   A N6    1 
ATOM   128 N N1    . A   A 1 6 ? -2.869  -3.850  0.428   1.00 20.34 ? 6   A   A N1    1 
ATOM   129 C C2    . A   A 1 6 ? -3.806  -4.106  -0.499  1.00 20.00 ? 6   A   A C2    1 
ATOM   130 N N3    . A   A 1 6 ? -4.987  -3.537  -0.681  1.00 23.12 ? 6   A   A N3    1 
ATOM   131 C C4    . A   A 1 6 ? -5.188  -2.576  0.234   1.00 19.73 ? 6   A   A C4    1 
ATOM   132 P P     . G   A 1 7 ? -10.706 -4.286  2.079   1.00 35.55 ? 7   G   A P     1 
ATOM   133 O OP1   . G   A 1 7 ? -12.137 -4.685  2.133   1.00 34.14 ? 7   G   A OP1   1 
ATOM   134 O OP2   . G   A 1 7 ? -10.057 -3.737  3.295   1.00 32.78 ? 7   G   A OP2   1 
ATOM   135 O "O5'" . G   A 1 7 ? -9.895  -5.541  1.562   1.00 26.91 ? 7   G   A "O5'" 1 
ATOM   136 C "C5'" . G   A 1 7 ? -10.330 -6.270  0.426   1.00 28.62 ? 7   G   A "C5'" 1 
ATOM   137 C "C4'" . G   A 1 7 ? -9.198  -7.066  -0.159  1.00 25.55 ? 7   G   A "C4'" 1 
ATOM   138 O "O4'" . G   A 1 7 ? -8.052  -6.196  -0.316  1.00 30.42 ? 7   G   A "O4'" 1 
ATOM   139 C "C3'" . G   A 1 7 ? -8.683  -8.211  0.705   1.00 24.96 ? 7   G   A "C3'" 1 
ATOM   140 O "O3'" . G   A 1 7 ? -9.428  -9.399  0.527   1.00 24.37 ? 7   G   A "O3'" 1 
ATOM   141 C "C2'" . G   A 1 7 ? -7.239  -8.350  0.259   1.00 26.38 ? 7   G   A "C2'" 1 
ATOM   142 O "O2'" . G   A 1 7 ? -7.163  -9.068  -0.965  1.00 29.20 ? 7   G   A "O2'" 1 
ATOM   143 C "C1'" . G   A 1 7 ? -6.868  -6.894  -0.013  1.00 24.32 ? 7   G   A "C1'" 1 
ATOM   144 N N9    . G   A 1 7 ? -6.216  -6.244  1.146   1.00 23.35 ? 7   G   A N9    1 
ATOM   145 C C8    . G   A 1 7 ? -6.693  -5.244  1.959   1.00 25.69 ? 7   G   A C8    1 
ATOM   146 N N7    . G   A 1 7 ? -5.835  -4.888  2.887   1.00 25.42 ? 7   G   A N7    1 
ATOM   147 C C5    . G   A 1 7 ? -4.728  -5.696  2.656   1.00 20.35 ? 7   G   A C5    1 
ATOM   148 C C6    . G   A 1 7 ? -3.475  -5.792  3.329   1.00 23.88 ? 7   G   A C6    1 
ATOM   149 O O6    . G   A 1 7 ? -3.057  -5.146  4.294   1.00 24.57 ? 7   G   A O6    1 
ATOM   150 N N1    . G   A 1 7 ? -2.652  -6.750  2.756   1.00 19.56 ? 7   G   A N1    1 
ATOM   151 C C2    . G   A 1 7 ? -2.988  -7.541  1.686   1.00 23.19 ? 7   G   A C2    1 
ATOM   152 N N2    . G   A 1 7 ? -2.074  -8.425  1.267   1.00 21.62 ? 7   G   A N2    1 
ATOM   153 N N3    . G   A 1 7 ? -4.148  -7.468  1.056   1.00 20.56 ? 7   G   A N3    1 
ATOM   154 C C4    . G   A 1 7 ? -4.955  -6.536  1.590   1.00 24.15 ? 7   G   A C4    1 
ATOM   155 P P     . A   A 1 8 ? -9.700  -10.387 1.762   1.00 20.92 ? 8   A   A P     1 
ATOM   156 O OP1   . A   A 1 8 ? -10.810 -11.280 1.322   1.00 24.08 ? 8   A   A OP1   1 
ATOM   157 O OP2   . A   A 1 8 ? -9.860  -9.614  3.004   1.00 21.26 ? 8   A   A OP2   1 
ATOM   158 O "O5'" . A   A 1 8 ? -8.368  -11.238 1.902   1.00 19.66 ? 8   A   A "O5'" 1 
ATOM   159 C "C5'" . A   A 1 8 ? -8.171  -12.395 1.119   1.00 20.99 ? 8   A   A "C5'" 1 
ATOM   160 C "C4'" . A   A 1 8 ? -6.890  -13.087 1.489   1.00 19.36 ? 8   A   A "C4'" 1 
ATOM   161 O "O4'" . A   A 1 8 ? -5.754  -12.226 1.199   1.00 18.50 ? 8   A   A "O4'" 1 
ATOM   162 C "C3'" . A   A 1 8 ? -6.700  -13.429 2.956   1.00 18.56 ? 8   A   A "C3'" 1 
ATOM   163 O "O3'" . A   A 1 8 ? -7.446  -14.555 3.377   1.00 18.88 ? 8   A   A "O3'" 1 
ATOM   164 C "C2'" . A   A 1 8 ? -5.197  -13.616 3.024   1.00 18.59 ? 8   A   A "C2'" 1 
ATOM   165 O "O2'" . A   A 1 8 ? -4.825  -14.819 2.367   1.00 19.73 ? 8   A   A "O2'" 1 
ATOM   166 C "C1'" . A   A 1 8 ? -4.742  -12.440 2.165   1.00 18.54 ? 8   A   A "C1'" 1 
ATOM   167 N N9    . A   A 1 8 ? -4.615  -11.223 2.994   1.00 17.74 ? 8   A   A N9    1 
ATOM   168 C C8    . A   A 1 8 ? -5.561  -10.251 3.199   1.00 18.36 ? 8   A   A C8    1 
ATOM   169 N N7    . A   A 1 8 ? -5.195  -9.293  4.015   1.00 18.67 ? 8   A   A N7    1 
ATOM   170 C C5    . A   A 1 8 ? -3.915  -9.668  4.399   1.00 15.52 ? 8   A   A C5    1 
ATOM   171 C C6    . A   A 1 8 ? -2.984  -9.064  5.270   1.00 16.55 ? 8   A   A C6    1 
ATOM   172 N N6    . A   A 1 8 ? -3.200  -7.926  5.935   1.00 16.75 ? 8   A   A N6    1 
ATOM   173 N N1    . A   A 1 8 ? -1.813  -9.706  5.453   1.00 16.54 ? 8   A   A N1    1 
ATOM   174 C C2    . A   A 1 8 ? -1.582  -10.840 4.793   1.00 16.53 ? 8   A   A C2    1 
ATOM   175 N N3    . A   A 1 8 ? -2.375  -11.504 3.951   1.00 17.43 ? 8   A   A N3    1 
ATOM   176 C C4    . A   A 1 8 ? -3.547  -10.857 3.793   1.00 16.42 ? 8   A   A C4    1 
ATOM   177 P P     . G   A 1 9 ? -7.968  -14.664 4.899   1.00 17.75 ? 9   G   A P     1 
ATOM   178 O OP1   . G   A 1 9 ? -8.849  -15.861 4.974   1.00 20.53 ? 9   G   A OP1   1 
ATOM   179 O OP2   . G   A 1 9 ? -8.504  -13.377 5.367   1.00 19.15 ? 9   G   A OP2   1 
ATOM   180 O "O5'" . G   A 1 9 ? -6.640  -14.929 5.745   1.00 18.16 ? 9   G   A "O5'" 1 
ATOM   181 C "C5'" . G   A 1 9 ? -5.895  -16.129 5.587   1.00 19.33 ? 9   G   A "C5'" 1 
ATOM   182 C "C4'" . G   A 1 9 ? -4.518  -16.019 6.205   1.00 19.06 ? 9   G   A "C4'" 1 
ATOM   183 O "O4'" . G   A 1 9 ? -3.840  -14.840 5.691   1.00 17.95 ? 9   G   A "O4'" 1 
ATOM   184 C "C3'" . G   A 1 9 ? -4.461  -15.835 7.711   1.00 17.73 ? 9   G   A "C3'" 1 
ATOM   185 O "O3'" . G   A 1 9 ? -4.661  -17.038 8.433   1.00 18.57 ? 9   G   A "O3'" 1 
ATOM   186 C "C2'" . G   A 1 9 ? -3.082  -15.215 7.906   1.00 18.28 ? 9   G   A "C2'" 1 
ATOM   187 O "O2'" . G   A 1 9 ? -2.054  -16.190 7.806   1.00 19.34 ? 9   G   A "O2'" 1 
ATOM   188 C "C1'" . G   A 1 9 ? -3.007  -14.289 6.694   1.00 17.05 ? 9   G   A "C1'" 1 
ATOM   189 N N9    . G   A 1 9 ? -3.522  -12.967 7.077   1.00 15.99 ? 9   G   A N9    1 
ATOM   190 C C8    . G   A 1 9 ? -4.752  -12.410 6.826   1.00 16.70 ? 9   G   A C8    1 
ATOM   191 N N7    . G   A 1 9 ? -4.907  -11.233 7.369   1.00 16.27 ? 9   G   A N7    1 
ATOM   192 C C5    . G   A 1 9 ? -3.707  -11.010 8.038   1.00 15.50 ? 9   G   A C5    1 
ATOM   193 C C6    . G   A 1 9 ? -3.269  -9.907  8.810   1.00 15.35 ? 9   G   A C6    1 
ATOM   194 O O6    . G   A 1 9 ? -3.889  -8.877  9.085   1.00 16.95 ? 9   G   A O6    1 
ATOM   195 N N1    . G   A 1 9 ? -1.982  -10.104 9.318   1.00 14.53 ? 9   G   A N1    1 
ATOM   196 C C2    . G   A 1 9 ? -1.199  -11.212 9.089   1.00 16.58 ? 9   G   A C2    1 
ATOM   197 N N2    . G   A 1 9 ? 0.022   -11.228 9.651   1.00 17.25 ? 9   G   A N2    1 
ATOM   198 N N3    . G   A 1 9 ? -1.592  -12.246 8.362   1.00 16.58 ? 9   G   A N3    1 
ATOM   199 C C4    . G   A 1 9 ? -2.850  -12.077 7.875   1.00 16.13 ? 9   G   A C4    1 
HETATM 200 N N1    . 5CM B 2 1 ? 0.649   -7.360  12.730  1.00 18.52 ? 1   5CM B N1    1 
HETATM 201 C C2    . 5CM B 2 1 ? 0.201   -8.293  11.761  1.00 18.07 ? 1   5CM B C2    1 
HETATM 202 N N3    . 5CM B 2 1 ? -1.030  -8.076  11.146  1.00 17.24 ? 1   5CM B N3    1 
HETATM 203 C C4    . 5CM B 2 1 ? -1.706  -6.995  11.527  1.00 18.31 ? 1   5CM B C4    1 
HETATM 204 C C5    . 5CM B 2 1 ? -1.309  -6.038  12.477  1.00 19.79 ? 1   5CM B C5    1 
HETATM 205 C C5A   . 5CM B 2 1 ? -2.172  -4.882  12.794  1.00 23.68 ? 1   5CM B C5A   1 
HETATM 206 C C6    . 5CM B 2 1 ? -0.094  -6.246  13.093  1.00 19.21 ? 1   5CM B C6    1 
HETATM 207 O O2    . 5CM B 2 1 ? 0.878   -9.277  11.462  1.00 17.76 ? 1   5CM B O2    1 
HETATM 208 N N4    . 5CM B 2 1 ? -2.936  -6.839  10.869  1.00 20.40 ? 1   5CM B N4    1 
HETATM 209 C "C1'" . 5CM B 2 1 ? 1.973   -7.597  13.407  1.00 19.64 ? 1   5CM B "C1'" 1 
HETATM 210 C "C2'" . 5CM B 2 1 ? 3.088   -7.348  12.377  1.00 19.29 ? 1   5CM B "C2'" 1 
HETATM 211 C "C3'" . 5CM B 2 1 ? 3.512   -5.933  12.702  1.00 20.34 ? 1   5CM B "C3'" 1 
HETATM 212 C "C4'" . 5CM B 2 1 ? 3.227   -5.858  14.224  1.00 20.12 ? 1   5CM B "C4'" 1 
HETATM 213 O "O4'" . 5CM B 2 1 ? 2.116   -6.705  14.469  1.00 21.26 ? 1   5CM B "O4'" 1 
HETATM 214 O "O3'" . 5CM B 2 1 ? 4.847   -5.787  12.370  1.00 21.44 ? 1   5CM B "O3'" 1 
HETATM 215 C "C5'" . 5CM B 2 1 ? 2.825   -4.402  14.561  1.00 23.86 ? 1   5CM B "C5'" 1 
HETATM 216 O "O5'" . 5CM B 2 1 ? 2.631   -4.410  15.912  1.00 29.10 ? 1   5CM B "O5'" 1 
ATOM   217 P P     . DT  B 2 2 ? 5.290   -5.381  10.878  1.00 21.23 ? 2   DT  B P     1 
ATOM   218 O OP1   . DT  B 2 2 ? 6.744   -5.078  10.973  1.00 24.62 ? 2   DT  B OP1   1 
ATOM   219 O OP2   . DT  B 2 2 ? 4.353   -4.358  10.350  1.00 22.20 ? 2   DT  B OP2   1 
ATOM   220 O "O5'" . DT  B 2 2 ? 5.072   -6.699  10.002  1.00 20.19 ? 2   DT  B "O5'" 1 
ATOM   221 C "C5'" . DT  B 2 2 ? 5.896   -7.840  10.188  1.00 19.86 ? 2   DT  B "C5'" 1 
ATOM   222 C "C4'" . DT  B 2 2 ? 5.466   -8.958  9.256   1.00 18.06 ? 2   DT  B "C4'" 1 
ATOM   223 O "O4'" . DT  B 2 2 ? 4.125   -9.394  9.598   1.00 19.18 ? 2   DT  B "O4'" 1 
ATOM   224 C "C3'" . DT  B 2 2 ? 5.340   -8.563  7.793   1.00 20.29 ? 2   DT  B "C3'" 1 
ATOM   225 O "O3'" . DT  B 2 2 ? 6.599   -8.565  7.165   1.00 22.67 ? 2   DT  B "O3'" 1 
ATOM   226 C "C2'" . DT  B 2 2 ? 4.462   -9.679  7.268   1.00 20.24 ? 2   DT  B "C2'" 1 
ATOM   227 C "C1'" . DT  B 2 2 ? 3.462   -9.812  8.405   1.00 18.47 ? 2   DT  B "C1'" 1 
ATOM   228 N N1    . DT  B 2 2 ? 2.219   -9.003  8.208   1.00 17.75 ? 2   DT  B N1    1 
ATOM   229 C C2    . DT  B 2 2 ? 1.248   -9.508  7.383   1.00 16.65 ? 2   DT  B C2    1 
ATOM   230 O O2    . DT  B 2 2 ? 1.361   -10.575 6.808   1.00 17.58 ? 2   DT  B O2    1 
ATOM   231 N N3    . DT  B 2 2 ? 0.140   -8.724  7.251   1.00 17.21 ? 2   DT  B N3    1 
ATOM   232 C C4    . DT  B 2 2 ? -0.094  -7.507  7.848   1.00 16.80 ? 2   DT  B C4    1 
ATOM   233 O O4    . DT  B 2 2 ? -1.148  -6.894  7.684   1.00 17.13 ? 2   DT  B O4    1 
ATOM   234 C C5    . DT  B 2 2 ? 0.970   -7.019  8.703   1.00 16.57 ? 2   DT  B C5    1 
ATOM   235 C C7    . DT  B 2 2 ? 0.836   -5.698  9.405   1.00 18.42 ? 2   DT  B C7    1 
ATOM   236 C C6    . DT  B 2 2 ? 2.067   -7.785  8.838   1.00 19.14 ? 2   DT  B C6    1 
ATOM   237 P P     . DC  B 2 3 ? 6.907   -7.491  6.003   1.00 22.88 ? 3   DC  B P     1 
ATOM   238 O OP1   . DC  B 2 3 ? 8.364   -7.556  5.728   1.00 29.39 ? 3   DC  B OP1   1 
ATOM   239 O OP2   . DC  B 2 3 ? 6.296   -6.218  6.416   1.00 24.16 ? 3   DC  B OP2   1 
ATOM   240 O "O5'" . DC  B 2 3 ? 6.110   -8.048  4.733   1.00 25.06 ? 3   DC  B "O5'" 1 
ATOM   241 C "C5'" . DC  B 2 3 ? 6.413   -9.333  4.201   1.00 25.23 ? 3   DC  B "C5'" 1 
ATOM   242 C "C4'" . DC  B 2 3 ? 5.249   -9.869  3.384   1.00 27.00 ? 3   DC  B "C4'" 1 
ATOM   243 O "O4'" . DC  B 2 3 ? 4.048   -9.889  4.193   1.00 26.91 ? 3   DC  B "O4'" 1 
ATOM   244 C "C3'" . DC  B 2 3 ? 4.861   -9.032  2.178   1.00 26.18 ? 3   DC  B "C3'" 1 
ATOM   245 O "O3'" . DC  B 2 3 ? 5.719   -9.327  1.080   1.00 28.40 ? 3   DC  B "O3'" 1 
ATOM   246 C "C2'" . DC  B 2 3 ? 3.435   -9.514  1.930   1.00 26.95 ? 3   DC  B "C2'" 1 
ATOM   247 C "C1'" . DC  B 2 3 ? 2.909   -9.698  3.358   1.00 23.89 ? 3   DC  B "C1'" 1 
ATOM   248 N N1    . DC  B 2 3 ? 2.126   -8.522  3.849   1.00 22.28 ? 3   DC  B N1    1 
ATOM   249 C C2    . DC  B 2 3 ? 0.811   -8.323  3.402   1.00 21.15 ? 3   DC  B C2    1 
ATOM   250 O O2    . DC  B 2 3 ? 0.312   -9.132  2.608   1.00 25.88 ? 3   DC  B O2    1 
ATOM   251 N N3    . DC  B 2 3 ? 0.121   -7.250  3.845   1.00 21.68 ? 3   DC  B N3    1 
ATOM   252 C C4    . DC  B 2 3 ? 0.691   -6.391  4.691   1.00 20.31 ? 3   DC  B C4    1 
ATOM   253 N N4    . DC  B 2 3 ? -0.035  -5.353  5.100   1.00 21.56 ? 3   DC  B N4    1 
ATOM   254 C C5    . DC  B 2 3 ? 2.027   -6.571  5.162   1.00 22.42 ? 3   DC  B C5    1 
ATOM   255 C C6    . DC  B 2 3 ? 2.703   -7.635  4.717   1.00 22.36 ? 3   DC  B C6    1 
ATOM   256 P P     . DT  B 2 4 ? 5.840   -8.303  -0.160  1.00 26.77 ? 4   DT  B P     1 
ATOM   257 O OP1   . DT  B 2 4 ? 6.821   -8.896  -1.094  1.00 29.70 ? 4   DT  B OP1   1 
ATOM   258 O OP2   . DT  B 2 4 ? 6.062   -6.936  0.366   1.00 28.13 ? 4   DT  B OP2   1 
ATOM   259 O "O5'" . DT  B 2 4 ? 4.392   -8.334  -0.836  1.00 25.80 ? 4   DT  B "O5'" 1 
ATOM   260 C "C5'" . DT  B 2 4 ? 3.976   -9.460  -1.592  1.00 22.41 ? 4   DT  B "C5'" 1 
ATOM   261 C "C4'" . DT  B 2 4 ? 2.634   -9.195  -2.256  1.00 23.24 ? 4   DT  B "C4'" 1 
ATOM   262 O "O4'" . DT  B 2 4 ? 1.596   -9.072  -1.250  1.00 23.10 ? 4   DT  B "O4'" 1 
ATOM   263 C "C3'" . DT  B 2 4 ? 2.546   -7.891  -3.019  1.00 23.05 ? 4   DT  B "C3'" 1 
ATOM   264 O "O3'" . DT  B 2 4 ? 3.110   -8.035  -4.297  1.00 21.78 ? 4   DT  B "O3'" 1 
ATOM   265 C "C2'" . DT  B 2 4 ? 1.042   -7.697  -3.090  1.00 20.38 ? 4   DT  B "C2'" 1 
ATOM   266 C "C1'" . DT  B 2 4 ? 0.620   -8.140  -1.694  1.00 22.70 ? 4   DT  B "C1'" 1 
ATOM   267 N N1    . DT  B 2 4 ? 0.543   -7.010  -0.715  1.00 22.04 ? 4   DT  B N1    1 
ATOM   268 C C2    . DT  B 2 4 ? -0.619  -6.282  -0.636  1.00 20.51 ? 4   DT  B C2    1 
ATOM   269 O O2    . DT  B 2 4 ? -1.595  -6.501  -1.337  1.00 23.34 ? 4   DT  B O2    1 
ATOM   270 N N3    . DT  B 2 4 ? -0.599  -5.269  0.281   1.00 22.04 ? 4   DT  B N3    1 
ATOM   271 C C4    . DT  B 2 4 ? 0.444   -4.921  1.116   1.00 21.71 ? 4   DT  B C4    1 
ATOM   272 O O4    . DT  B 2 4 ? 0.359   -3.996  1.914   1.00 23.76 ? 4   DT  B O4    1 
ATOM   273 C C5    . DT  B 2 4 ? 1.640   -5.721  0.981   1.00 21.48 ? 4   DT  B C5    1 
ATOM   274 C C7    . DT  B 2 4 ? 2.841   -5.435  1.834   1.00 25.05 ? 4   DT  B C7    1 
ATOM   275 C C6    . DT  B 2 4 ? 1.631   -6.720  0.084   1.00 22.60 ? 4   DT  B C6    1 
ATOM   276 P P     . DT  B 2 5 ? 3.578   -6.735  -5.111  1.00 20.76 ? 5   DT  B P     1 
ATOM   277 O OP1   . DT  B 2 5 ? 4.309   -7.231  -6.297  1.00 22.68 ? 5   DT  B OP1   1 
ATOM   278 O OP2   . DT  B 2 5 ? 4.240   -5.817  -4.168  1.00 19.90 ? 5   DT  B OP2   1 
ATOM   279 O "O5'" . DT  B 2 5 ? 2.212   -6.069  -5.578  1.00 19.22 ? 5   DT  B "O5'" 1 
ATOM   280 C "C5'" . DT  B 2 5 ? 1.437   -6.703  -6.578  1.00 19.75 ? 5   DT  B "C5'" 1 
ATOM   281 C "C4'" . DT  B 2 5 ? 0.067   -6.071  -6.678  1.00 18.44 ? 5   DT  B "C4'" 1 
ATOM   282 O "O4'" . DT  B 2 5 ? -0.575  -6.085  -5.377  1.00 19.25 ? 5   DT  B "O4'" 1 
ATOM   283 C "C3'" . DT  B 2 5 ? 0.056   -4.612  -7.066  1.00 18.57 ? 5   DT  B "C3'" 1 
ATOM   284 O "O3'" . DT  B 2 5 ? 0.198   -4.464  -8.471  1.00 18.99 ? 5   DT  B "O3'" 1 
ATOM   285 C "C2'" . DT  B 2 5 ? -1.334  -4.210  -6.608  1.00 17.74 ? 5   DT  B "C2'" 1 
ATOM   286 C "C1'" . DT  B 2 5 ? -1.435  -4.959  -5.283  1.00 18.13 ? 5   DT  B "C1'" 1 
ATOM   287 N N1    . DT  B 2 5 ? -1.041  -4.126  -4.104  1.00 17.12 ? 5   DT  B N1    1 
ATOM   288 C C2    . DT  B 2 5 ? -1.988  -3.311  -3.540  1.00 18.24 ? 5   DT  B C2    1 
ATOM   289 O O2    . DT  B 2 5 ? -3.128  -3.231  -3.961  1.00 19.31 ? 5   DT  B O2    1 
ATOM   290 N N3    . DT  B 2 5 ? -1.560  -2.583  -2.463  1.00 17.67 ? 5   DT  B N3    1 
ATOM   291 C C4    . DT  B 2 5 ? -0.303  -2.589  -1.908  1.00 18.03 ? 5   DT  B C4    1 
ATOM   292 O O4    . DT  B 2 5 ? -0.019  -1.906  -0.928  1.00 18.37 ? 5   DT  B O4    1 
ATOM   293 C C5    . DT  B 2 5 ? 0.655   -3.465  -2.548  1.00 17.17 ? 5   DT  B C5    1 
ATOM   294 C C7    . DT  B 2 5 ? 2.057   -3.551  -2.025  1.00 19.35 ? 5   DT  B C7    1 
ATOM   295 C C6    . DT  B 2 5 ? 0.246   -4.184  -3.608  1.00 18.07 ? 5   DT  B C6    1 
ATOM   296 P P     . DC  B 2 6 ? 0.728   -3.079  -9.084  1.00 18.87 ? 6   DC  B P     1 
ATOM   297 O OP1   . DC  B 2 6 ? 1.045   -3.341  -10.506 1.00 21.31 ? 6   DC  B OP1   1 
ATOM   298 O OP2   . DC  B 2 6 ? 1.777   -2.533  -8.184  1.00 20.90 ? 6   DC  B OP2   1 
ATOM   299 O "O5'" . DC  B 2 6 ? -0.515  -2.083  -8.982  1.00 19.58 ? 6   DC  B "O5'" 1 
ATOM   300 C "C5'" . DC  B 2 6 ? -1.634  -2.235  -9.843  1.00 18.40 ? 6   DC  B "C5'" 1 
ATOM   301 C "C4'" . DC  B 2 6 ? -2.699  -1.202  -9.522  1.00 17.54 ? 6   DC  B "C4'" 1 
ATOM   302 O "O4'" . DC  B 2 6 ? -3.135  -1.372  -8.149  1.00 17.70 ? 6   DC  B "O4'" 1 
ATOM   303 C "C3'" . DC  B 2 6 ? -2.224  0.237   -9.585  1.00 18.48 ? 6   DC  B "C3'" 1 
ATOM   304 O "O3'" . DC  B 2 6 ? -2.281  0.717   -10.915 1.00 18.62 ? 6   DC  B "O3'" 1 
ATOM   305 C "C2'" . DC  B 2 6 ? -3.244  0.939   -8.695  1.00 17.48 ? 6   DC  B "C2'" 1 
ATOM   306 C "C1'" . DC  B 2 6 ? -3.429  -0.097  -7.585  1.00 16.76 ? 6   DC  B "C1'" 1 
ATOM   307 N N1    . DC  B 2 6 ? -2.542  0.125   -6.399  1.00 16.41 ? 6   DC  B N1    1 
ATOM   308 C C2    . DC  B 2 6 ? -2.907  1.081   -5.448  1.00 16.55 ? 6   DC  B C2    1 
ATOM   309 O O2    . DC  B 2 6 ? -3.952  1.725   -5.614  1.00 17.25 ? 6   DC  B O2    1 
ATOM   310 N N3    . DC  B 2 6 ? -2.111  1.268   -4.363  1.00 15.59 ? 6   DC  B N3    1 
ATOM   311 C C4    . DC  B 2 6 ? -0.989  0.557   -4.216  1.00 15.69 ? 6   DC  B C4    1 
ATOM   312 N N4    . DC  B 2 6 ? -0.243  0.783   -3.126  1.00 16.57 ? 6   DC  B N4    1 
ATOM   313 C C5    . DC  B 2 6 ? -0.594  -0.423  -5.176  1.00 16.71 ? 6   DC  B C5    1 
ATOM   314 C C6    . DC  B 2 6 ? -1.392  -0.598  -6.248  1.00 16.09 ? 6   DC  B C6    1 
ATOM   315 P P     . DT  B 2 7 ? -1.120  1.671   -11.488 1.00 20.26 ? 7   DT  B P     1 
ATOM   316 O OP1   . DT  B 2 7 ? -1.445  1.952   -12.908 1.00 22.41 ? 7   DT  B OP1   1 
ATOM   317 O OP2   . DT  B 2 7 ? 0.185   1.097   -11.136 1.00 22.01 ? 7   DT  B OP2   1 
ATOM   318 O "O5'" . DT  B 2 7 ? -1.294  3.028   -10.674 1.00 18.87 ? 7   DT  B "O5'" 1 
ATOM   319 C "C5'" . DT  B 2 7 ? -2.406  3.879   -10.949 1.00 19.99 ? 7   DT  B "C5'" 1 
ATOM   320 C "C4'" . DT  B 2 7 ? -2.573  4.908   -9.852  1.00 17.17 ? 7   DT  B "C4'" 1 
ATOM   321 O "O4'" . DT  B 2 7 ? -2.654  4.235   -8.579  1.00 18.05 ? 7   DT  B "O4'" 1 
ATOM   322 C "C3'" . DT  B 2 7 ? -1.418  5.887   -9.689  1.00 17.84 ? 7   DT  B "C3'" 1 
ATOM   323 O "O3'" . DT  B 2 7 ? -1.562  6.962   -10.615 1.00 18.44 ? 7   DT  B "O3'" 1 
ATOM   324 C "C2'" . DT  B 2 7 ? -1.637  6.362   -8.257  1.00 18.09 ? 7   DT  B "C2'" 1 
ATOM   325 C "C1'" . DT  B 2 7 ? -2.109  5.075   -7.573  1.00 16.84 ? 7   DT  B "C1'" 1 
ATOM   326 N N1    . DT  B 2 7 ? -1.019  4.356   -6.868  1.00 17.71 ? 7   DT  B N1    1 
ATOM   327 C C2    . DT  B 2 7 ? -0.682  4.773   -5.610  1.00 16.22 ? 7   DT  B C2    1 
ATOM   328 O O2    . DT  B 2 7 ? -1.222  5.712   -5.062  1.00 16.50 ? 7   DT  B O2    1 
ATOM   329 N N3    . DT  B 2 7 ? 0.324   4.063   -5.016  1.00 16.07 ? 7   DT  B N3    1 
ATOM   330 C C4    . DT  B 2 7 ? 1.020   2.995   -5.546  1.00 15.39 ? 7   DT  B C4    1 
ATOM   331 O O4    . DT  B 2 7 ? 1.919   2.426   -4.927  1.00 15.68 ? 7   DT  B O4    1 
ATOM   332 C C5    . DT  B 2 7 ? 0.623   2.601   -6.880  1.00 15.78 ? 7   DT  B C5    1 
ATOM   333 C C7    . DT  B 2 7 ? 1.308   1.447   -7.558  1.00 18.61 ? 7   DT  B C7    1 
ATOM   334 C C6    . DT  B 2 7 ? -0.375  3.288   -7.471  1.00 17.70 ? 7   DT  B C6    1 
ATOM   335 P P     . DT  B 2 8 ? -0.279  7.778   -11.146 1.00 19.77 ? 8   DT  B P     1 
ATOM   336 O OP1   . DT  B 2 8 ? -0.785  8.567   -12.288 1.00 22.51 ? 8   DT  B OP1   1 
ATOM   337 O OP2   . DT  B 2 8 ? 0.866   6.869   -11.342 1.00 20.89 ? 8   DT  B OP2   1 
ATOM   338 O "O5'" . DT  B 2 8 ? 0.082   8.788   -9.962  1.00 17.91 ? 8   DT  B "O5'" 1 
ATOM   339 C "C5'" . DT  B 2 8 ? -0.808  9.848   -9.619  1.00 17.90 ? 8   DT  B "C5'" 1 
ATOM   340 C "C4'" . DT  B 2 8 ? -0.469  10.398  -8.244  1.00 15.56 ? 8   DT  B "C4'" 1 
ATOM   341 O "O4'" . DT  B 2 8 ? -0.526  9.331   -7.276  1.00 16.45 ? 8   DT  B "O4'" 1 
ATOM   342 C "C3'" . DT  B 2 8 ? 0.929   10.976  -8.097  1.00 16.94 ? 8   DT  B "C3'" 1 
ATOM   343 O "O3'" . DT  B 2 8 ? 0.913   12.329  -8.505  1.00 17.11 ? 8   DT  B "O3'" 1 
ATOM   344 C "C2'" . DT  B 2 8 ? 1.144   10.864  -6.600  1.00 16.08 ? 8   DT  B "C2'" 1 
ATOM   345 C "C1'" . DT  B 2 8 ? 0.451   9.553   -6.284  1.00 14.96 ? 8   DT  B "C1'" 1 
ATOM   346 N N1    . DT  B 2 8 ? 1.367   8.381   -6.212  1.00 14.28 ? 8   DT  B N1    1 
ATOM   347 C C2    . DT  B 2 8 ? 2.048   8.189   -5.051  1.00 15.35 ? 8   DT  B C2    1 
ATOM   348 O O2    . DT  B 2 8 ? 1.969   8.954   -4.112  1.00 15.96 ? 8   DT  B O2    1 
ATOM   349 N N3    . DT  B 2 8 ? 2.832   7.077   -5.018  1.00 15.47 ? 8   DT  B N3    1 
ATOM   350 C C4    . DT  B 2 8 ? 3.003   6.151   -6.022  1.00 16.62 ? 8   DT  B C4    1 
ATOM   351 O O4    . DT  B 2 8 ? 3.732   5.172   -5.888  1.00 16.04 ? 8   DT  B O4    1 
ATOM   352 C C5    . DT  B 2 8 ? 2.260   6.401   -7.230  1.00 15.66 ? 8   DT  B C5    1 
ATOM   353 C C7    . DT  B 2 8 ? 2.374   5.452   -8.391  1.00 19.19 ? 8   DT  B C7    1 
ATOM   354 C C6    . DT  B 2 8 ? 1.475   7.497   -7.271  1.00 18.17 ? 8   DT  B C6    1 
HETATM 355 N N1    . 5CM B 2 9 ? 5.058   11.150  -4.796  1.00 15.91 ? 9   5CM B N1    1 
HETATM 356 C C2    . 5CM B 2 9 ? 5.852   10.289  -4.011  1.00 15.46 ? 9   5CM B C2    1 
HETATM 357 N N3    . 5CM B 2 9 ? 6.235   9.062   -4.553  1.00 16.40 ? 9   5CM B N3    1 
HETATM 358 C C4    . 5CM B 2 9 ? 5.792   8.802   -5.795  1.00 15.94 ? 9   5CM B C4    1 
HETATM 359 C C5    . 5CM B 2 9 ? 4.994   9.642   -6.613  1.00 15.11 ? 9   5CM B C5    1 
HETATM 360 C C5A   . 5CM B 2 9 ? 4.573   9.246   -7.972  1.00 17.06 ? 9   5CM B C5A   1 
HETATM 361 C C6    . 5CM B 2 9 ? 4.615   10.838  -6.068  1.00 16.14 ? 9   5CM B C6    1 
HETATM 362 O O2    . 5CM B 2 9 ? 6.219   10.631  -2.883  1.00 17.08 ? 9   5CM B O2    1 
HETATM 363 N N4    . 5CM B 2 9 ? 6.200   7.547   -6.286  1.00 18.39 ? 9   5CM B N4    1 
HETATM 364 C "C1'" . 5CM B 2 9 ? 4.614   12.438  -4.203  1.00 16.91 ? 9   5CM B "C1'" 1 
HETATM 365 C "C2'" . 5CM B 2 9 ? 5.660   13.538  -4.461  1.00 18.28 ? 9   5CM B "C2'" 1 
HETATM 366 C "C3'" . 5CM B 2 9 ? 4.992   14.330  -5.578  1.00 15.96 ? 9   5CM B "C3'" 1 
HETATM 367 C "C4'" . 5CM B 2 9 ? 3.486   14.126  -5.268  1.00 17.82 ? 9   5CM B "C4'" 1 
HETATM 368 O "O4'" . 5CM B 2 9 ? 3.390   12.804  -4.779  1.00 16.01 ? 9   5CM B "O4'" 1 
HETATM 369 O "O3'" . 5CM B 2 9 ? 5.411   15.669  -5.505  1.00 18.69 ? 9   5CM B "O3'" 1 
HETATM 370 C "C5'" . 5CM B 2 9 ? 2.652   14.245  -6.593  1.00 17.76 ? 9   5CM B "C5'" 1 
HETATM 371 O "O5'" . 5CM B 2 9 ? 3.142   13.293  -7.422  1.00 17.16 ? 9   5CM B "O5'" 1 
HETATM 372 P P     . 5CM B 2 9 ? 2.272   13.072  -8.925  1.00 16.90 ? 9   5CM B P     1 
HETATM 373 O OP1   . 5CM B 2 9 ? 1.972   14.495  -9.395  1.00 20.54 ? 9   5CM B OP1   1 
HETATM 374 O OP2   . 5CM B 2 9 ? 3.171   12.203  -9.788  1.00 18.26 ? 9   5CM B OP2   1 
HETATM 375 N N1    . SPM C 3 . ? 4.787   18.351  -3.272  1.00 28.95 ? 101 SPM B N1    1 
HETATM 376 C C2    . SPM C 3 . ? 3.448   18.902  -3.375  1.00 24.51 ? 101 SPM B C2    1 
HETATM 377 C C3    . SPM C 3 . ? 3.096   19.240  -4.823  1.00 27.31 ? 101 SPM B C3    1 
HETATM 378 C C4    . SPM C 3 . ? 1.620   19.637  -4.889  1.00 23.99 ? 101 SPM B C4    1 
HETATM 379 N N5    . SPM C 3 . ? 1.220   19.874  -6.267  1.00 26.62 ? 101 SPM B N5    1 
HETATM 380 C C6    . SPM C 3 . ? 1.208   18.622  -7.003  1.00 24.56 ? 101 SPM B C6    1 
HETATM 381 C C7    . SPM C 3 . ? -0.019  17.791  -6.631  1.00 18.89 ? 101 SPM B C7    1 
HETATM 382 C C8    . SPM C 3 . ? -0.311  16.825  -7.771  1.00 23.80 ? 101 SPM B C8    1 
HETATM 383 C C9    . SPM C 3 . ? -1.384  15.824  -7.352  1.00 22.24 ? 101 SPM B C9    1 
HETATM 384 N N10   . SPM C 3 . ? -1.623  14.879  -8.434  1.00 23.02 ? 101 SPM B N10   1 
HETATM 385 C C11   . SPM C 3 . ? -2.841  14.154  -8.161  1.00 20.47 ? 101 SPM B C11   1 
HETATM 386 C C12   . SPM C 3 . ? -2.823  12.822  -8.888  1.00 27.29 ? 101 SPM B C12   1 
HETATM 387 C C13   . SPM C 3 . ? -3.557  12.934  -10.216 1.00 28.32 ? 101 SPM B C13   1 
HETATM 388 N N14   . SPM C 3 . ? -2.598  12.659  -11.254 1.00 28.15 ? 101 SPM B N14   1 
HETATM 389 O O     . HOH D 4 . ? -3.351  -3.450  5.958   1.00 31.39 ? 101 HOH A O     1 
HETATM 390 O O     . HOH D 4 . ? -3.633  5.302   3.511   1.00 30.11 ? 102 HOH A O     1 
HETATM 391 O O     . HOH D 4 . ? -0.029  12.269  2.773   1.00 29.16 ? 103 HOH A O     1 
HETATM 392 O O     . HOH D 4 . ? 8.123   3.814   7.448   1.00 32.03 ? 104 HOH A O     1 
HETATM 393 O O     . HOH D 4 . ? -0.002  5.781   6.535   1.00 36.44 ? 105 HOH A O     1 
HETATM 394 O O     . HOH D 4 . ? -13.204 -10.303 0.664   1.00 33.00 ? 106 HOH A O     1 
HETATM 395 O O     . HOH D 4 . ? -2.412  -15.964 2.550   1.00 25.71 ? 107 HOH A O     1 
HETATM 396 O O     . HOH D 4 . ? 13.667  6.288   3.877   1.00 26.97 ? 108 HOH A O     1 
HETATM 397 O O     . HOH D 4 . ? -4.560  8.252   6.344   1.00 32.32 ? 109 HOH A O     1 
HETATM 398 O O     . HOH D 4 . ? -10.090 0.735   -2.788  1.00 26.16 ? 110 HOH A O     1 
HETATM 399 O O     . HOH D 4 . ? -6.176  -7.162  5.375   1.00 25.30 ? 111 HOH A O     1 
HETATM 400 O O     . HOH D 4 . ? -3.790  0.420   3.923   1.00 31.00 ? 112 HOH A O     1 
HETATM 401 O O     . HOH D 4 . ? 7.863   3.379   -5.638  1.00 31.87 ? 113 HOH A O     1 
HETATM 402 O O     . HOH D 4 . ? -1.836  2.535   3.038   1.00 29.17 ? 114 HOH A O     1 
HETATM 403 O O     . HOH D 4 . ? 0.498   2.316   0.869   1.00 23.05 ? 115 HOH A O     1 
HETATM 404 O O     A HOH D 4 . ? 4.070   2.133   -0.030  0.51 22.54 ? 116 HOH A O     1 
HETATM 405 O O     B HOH D 4 . ? 3.798   2.781   1.457   0.49 24.78 ? 116 HOH A O     1 
HETATM 406 O O     . HOH D 4 . ? -6.298  -17.107 1.572   1.00 28.44 ? 117 HOH A O     1 
HETATM 407 O O     . HOH D 4 . ? 5.559   10.496  0.500   1.00 21.29 ? 118 HOH A O     1 
HETATM 408 O O     . HOH D 4 . ? 0.022   5.048   2.593   1.00 23.10 ? 119 HOH A O     1 
HETATM 409 O O     . HOH D 4 . ? -6.298  -4.492  -3.027  1.00 31.75 ? 120 HOH A O     1 
HETATM 410 O O     . HOH D 4 . ? 5.252   9.557   7.807   1.00 31.37 ? 121 HOH A O     1 
HETATM 411 O O     . HOH D 4 . ? 6.151   1.902   -3.188  1.00 30.42 ? 122 HOH A O     1 
HETATM 412 O O     . HOH D 4 . ? 1.532   7.540   7.863   1.00 33.39 ? 123 HOH A O     1 
HETATM 413 O O     . HOH D 4 . ? -7.403  0.472   -3.721  1.00 28.73 ? 124 HOH A O     1 
HETATM 414 O O     . HOH D 4 . ? -7.180  11.064  1.032   1.00 28.64 ? 125 HOH A O     1 
HETATM 415 O O     . HOH D 4 . ? 2.051   3.828   3.826   1.00 29.32 ? 126 HOH A O     1 
HETATM 416 O O     . HOH D 4 . ? -8.993  10.462  3.033   1.00 32.79 ? 127 HOH A O     1 
HETATM 417 O O     . HOH D 4 . ? -9.469  -10.421 -2.599  1.00 31.08 ? 128 HOH A O     1 
HETATM 418 O O     . HOH D 4 . ? -10.794 -12.529 -1.613  1.00 32.50 ? 129 HOH A O     1 
HETATM 419 O O     . HOH D 4 . ? -7.974  -19.350 6.389   1.00 33.46 ? 130 HOH A O     1 
HETATM 420 O O     . HOH D 4 . ? -14.229 -8.398  2.290   1.00 36.92 ? 131 HOH A O     1 
HETATM 421 O O     . HOH E 4 . ? -3.285  10.647  -12.271 1.00 32.75 ? 201 HOH B O     1 
HETATM 422 O O     . HOH E 4 . ? 3.108   -2.482  11.328  1.00 31.45 ? 202 HOH B O     1 
HETATM 423 O O     . HOH E 4 . ? -0.502  3.764   -14.358 1.00 36.19 ? 203 HOH B O     1 
HETATM 424 O O     . HOH E 4 . ? 0.925   15.230  -11.565 1.00 31.24 ? 204 HOH B O     1 
HETATM 425 O O     . HOH E 4 . ? 3.287   10.950  -12.000 1.00 32.23 ? 205 HOH B O     1 
HETATM 426 O O     . HOH E 4 . ? 4.877   -3.411  -5.004  1.00 26.19 ? 206 HOH B O     1 
HETATM 427 O O     . HOH E 4 . ? 1.959   -1.073  0.591   1.00 30.20 ? 207 HOH B O     1 
HETATM 428 O O     . HOH E 4 . ? 1.331   -1.255  -12.081 1.00 32.25 ? 208 HOH B O     1 
HETATM 429 O O     . HOH E 4 . ? 4.626   17.372  -7.359  1.00 19.99 ? 209 HOH B O     1 
HETATM 430 O O     . HOH E 4 . ? 7.972   16.273  -4.921  1.00 24.66 ? 210 HOH B O     1 
HETATM 431 O O     . HOH E 4 . ? 2.488   -2.196  -5.600  1.00 23.14 ? 211 HOH B O     1 
HETATM 432 O O     . HOH E 4 . ? 0.420   10.819  -13.172 1.00 33.86 ? 212 HOH B O     1 
HETATM 433 O O     . HOH E 4 . ? 1.830   4.792   -12.785 1.00 31.69 ? 213 HOH B O     1 
HETATM 434 O O     . HOH E 4 . ? 3.346   16.829  -9.674  1.00 23.06 ? 214 HOH B O     1 
HETATM 435 O O     . HOH E 4 . ? 7.454   -5.368  2.106   1.00 33.12 ? 215 HOH B O     1 
HETATM 436 O O     . HOH E 4 . ? -2.398  -4.532  8.247   1.00 25.34 ? 216 HOH B O     1 
HETATM 437 O O     . HOH E 4 . ? 5.053   -5.090  -1.655  1.00 27.07 ? 217 HOH B O     1 
HETATM 438 O O     . HOH E 4 . ? 8.006   -2.652  10.669  1.00 34.20 ? 218 HOH B O     1 
HETATM 439 O O     . HOH E 4 . ? -6.583  1.091   -6.195  1.00 22.67 ? 219 HOH B O     1 
HETATM 440 O O     . HOH E 4 . ? -4.113  -7.594  -1.770  1.00 26.79 ? 220 HOH B O     1 
HETATM 441 O O     . HOH E 4 . ? -0.128  13.359  -12.341 1.00 35.18 ? 221 HOH B O     1 
HETATM 442 O O     . HOH E 4 . ? 9.654   -9.606  7.113   1.00 32.23 ? 222 HOH B O     1 
HETATM 443 O O     . HOH E 4 . ? 6.193   -4.608  4.135   1.00 33.73 ? 223 HOH B O     1 
HETATM 444 O O     . HOH E 4 . ? 7.875   -4.363  7.815   1.00 34.96 ? 224 HOH B O     1 
HETATM 445 O O     . HOH E 4 . ? 2.523   2.646   -11.374 1.00 30.11 ? 225 HOH B O     1 
HETATM 446 O O     . HOH E 4 . ? 7.280   12.523  -1.071  1.00 25.43 ? 226 HOH B O     1 
HETATM 447 O O     . HOH E 4 . ? 4.072   -4.792  7.488   1.00 23.27 ? 227 HOH B O     1 
HETATM 448 O O     . HOH E 4 . ? 5.263   3.324   -7.434  1.00 28.76 ? 228 HOH B O     1 
HETATM 449 O O     . HOH E 4 . ? 9.093   -6.532  11.741  1.00 30.90 ? 229 HOH B O     1 
HETATM 450 O O     . HOH E 4 . ? 4.111   -1.075  -8.992  1.00 32.88 ? 230 HOH B O     1 
HETATM 451 O O     . HOH E 4 . ? 2.059   -2.603  3.827   1.00 31.71 ? 231 HOH B O     1 
HETATM 452 O O     . HOH E 4 . ? 6.307   6.122   -8.854  1.00 24.92 ? 232 HOH B O     1 
HETATM 453 O O     . HOH E 4 . ? 2.453   -0.227  -3.729  1.00 23.64 ? 233 HOH B O     1 
HETATM 454 O O     . HOH E 4 . ? 1.601   -3.366  6.570   1.00 28.77 ? 234 HOH B O     1 
HETATM 455 O O     . HOH E 4 . ? -4.391  1.974   -13.359 1.00 31.58 ? 235 HOH B O     1 
HETATM 456 O O     . HOH E 4 . ? -0.747  -4.820  16.407  1.00 29.78 ? 236 HOH B O     1 
HETATM 457 O O     . HOH E 4 . ? 5.679   -3.496  -7.751  1.00 35.94 ? 237 HOH B O     1 
HETATM 458 O O     . HOH E 4 . ? 0.710   -2.986  11.924  1.00 28.76 ? 238 HOH B O     1 
HETATM 459 O O     . HOH E 4 . ? 5.126   -2.595  -0.280  1.00 33.08 ? 239 HOH B O     1 
HETATM 460 O O     . HOH E 4 . ? 0.610   -1.764  8.291   1.00 38.29 ? 240 HOH B O     1 
HETATM 461 O O     . HOH E 4 . ? 4.758   2.286   -9.702  1.00 36.45 ? 241 HOH B O     1 
HETATM 462 O O     . HOH E 4 . ? 4.460   -2.304  3.979   1.00 38.58 ? 242 HOH B O     1 
HETATM 463 O O     . HOH E 4 . ? 3.962   5.047   -14.762 1.00 43.53 ? 243 HOH B O     1 
# 
